data_2ASL
#
_entry.id   2ASL
#
_cell.length_a   73.218
_cell.length_b   101.024
_cell.length_c   84.925
_cell.angle_alpha   90.00
_cell.angle_beta   97.16
_cell.angle_gamma   90.00
#
_symmetry.space_group_name_H-M   'P 1 21 1'
#
loop_
_entity.id
_entity.type
_entity.pdbx_description
1 polymer "5'-D(*GP*GP*TP*TP*GP*GP*AP*TP*GP*GP*TP*AP*GP*(DOC))-3'"
2 polymer "5'-D(*CP*T*AP*AP*CP*(8OG)P*CP*TP*AP*CP*CP*AP*TP*CP*CP*AP*AP*CP*C)-3'"
3 polymer 'DNA polymerase IV'
4 non-polymer 'CALCIUM ION'
5 water water
#
loop_
_entity_poly.entity_id
_entity_poly.type
_entity_poly.pdbx_seq_one_letter_code
_entity_poly.pdbx_strand_id
1 'polydeoxyribonucleotide' (DG)(DG)(DT)(DT)(DG)(DG)(DA)(DT)(DG)(DG)(DT)(DA)(DG)(DOC) D,H
2 'polydeoxyribonucleotide' (DC)(DT)(DA)(DA)(DC)(8OG)(DC)(DT)(DA)(DC)(DC)(DA)(DT)(DC)(DC)(DA)(DA)(DC)(DC) E,J
3 'polypeptide(L)'
;GSHMGGGGGIVLFVDFDYFYAQVEEVLNPSLKGKPVVVCVFSGRFEDSGAVATANYEARKFGVKAGIPIVEAKKILPNAV
YLPMRKEVYQQVSSRIMNLLREYSEKIEIASIDEAYLDISDKVRDYREAYNLGLEIKNKILEKEKITVTVGISKNKVFAK
IAADMAKPNGIKVIDDEEVKRLIRELDIADVPGIGNITAEKLKKLGINKLVDTLSIEFDKLKGMIGEAKAKYLISLARDE
YNEPIRTRVRKSIGRIVTMKRNSRNLEEIKPYLFRAIEESYYKLDKRIPKAIHVVAVTEDLDIVSRGRTFPHGISKETAY
SESVKLLQKILEEDERKIRRIGVRFSKFIEAIGLDKFFDT
;
A,B
#
# COMPACT_ATOMS: atom_id res chain seq x y z
N GLY E 9 33.37 6.96 60.19
CA GLY E 9 33.16 7.56 58.84
C GLY E 9 32.55 6.62 57.81
N ILE E 10 31.93 7.19 56.77
CA ILE E 10 31.28 6.41 55.70
C ILE E 10 31.83 6.81 54.33
N VAL E 11 32.02 5.81 53.46
CA VAL E 11 32.64 6.00 52.14
C VAL E 11 31.78 5.33 51.07
N LEU E 12 31.58 6.02 49.95
CA LEU E 12 30.77 5.50 48.85
C LEU E 12 31.58 5.44 47.57
N PHE E 13 31.67 4.26 46.98
CA PHE E 13 32.52 4.00 45.84
C PHE E 13 31.65 3.67 44.64
N VAL E 14 31.82 4.41 43.55
CA VAL E 14 31.09 4.18 42.32
C VAL E 14 32.05 3.58 41.32
N ASP E 15 31.64 2.48 40.68
CA ASP E 15 32.42 1.84 39.62
C ASP E 15 31.49 1.69 38.44
N PHE E 16 31.91 2.17 37.28
CA PHE E 16 31.10 2.08 36.08
C PHE E 16 31.39 0.72 35.45
N ASP E 17 30.33 -0.04 35.16
CA ASP E 17 30.48 -1.43 34.74
C ASP E 17 30.99 -1.54 33.33
N TYR E 18 31.91 -2.49 33.09
CA TYR E 18 32.48 -2.74 31.77
C TYR E 18 32.45 -1.44 30.94
N PHE E 19 33.08 -0.42 31.50
CA PHE E 19 32.86 0.97 31.09
C PHE E 19 33.06 1.27 29.61
N TYR E 20 34.24 0.97 29.07
CA TYR E 20 34.51 1.21 27.64
C TYR E 20 33.49 0.51 26.78
N ALA E 21 33.15 -0.72 27.14
CA ALA E 21 32.13 -1.45 26.42
C ALA E 21 30.74 -0.83 26.58
N GLN E 22 30.43 -0.28 27.75
CA GLN E 22 29.15 0.39 27.95
C GLN E 22 29.01 1.64 27.09
N VAL E 23 30.08 2.41 26.97
CA VAL E 23 30.00 3.65 26.19
C VAL E 23 29.83 3.32 24.72
N GLU E 24 30.51 2.27 24.26
CA GLU E 24 30.40 1.84 22.87
C GLU E 24 28.93 1.47 22.53
N GLU E 25 28.21 0.96 23.53
CA GLU E 25 26.81 0.59 23.38
C GLU E 25 25.84 1.77 23.46
N VAL E 26 26.16 2.76 24.29
CA VAL E 26 25.39 4.00 24.31
C VAL E 26 25.47 4.65 22.92
N LEU E 27 26.66 4.60 22.32
CA LEU E 27 26.90 5.18 21.00
C LEU E 27 26.37 4.31 19.84
N ASN E 28 26.10 3.05 20.13
CA ASN E 28 25.50 2.15 19.15
C ASN E 28 24.68 1.10 19.88
N PRO E 29 23.43 1.43 20.21
CA PRO E 29 22.55 0.53 20.98
C PRO E 29 22.28 -0.83 20.36
N SER E 30 22.72 -1.08 19.13
CA SER E 30 22.54 -2.38 18.50
C SER E 30 23.53 -3.43 19.04
N LEU E 31 24.38 -3.01 19.96
CA LEU E 31 25.31 -3.91 20.62
C LEU E 31 24.68 -4.56 21.85
N LYS E 32 23.49 -4.11 22.27
CA LYS E 32 22.81 -4.72 23.42
C LYS E 32 22.71 -6.22 23.20
N GLY E 33 23.12 -7.00 24.21
CA GLY E 33 23.06 -8.45 24.15
C GLY E 33 24.24 -9.14 23.47
N LYS E 34 25.03 -8.41 22.69
CA LYS E 34 26.18 -8.99 22.00
C LYS E 34 27.48 -8.93 22.82
N PRO E 35 28.38 -9.89 22.60
CA PRO E 35 29.72 -9.81 23.18
C PRO E 35 30.51 -8.67 22.53
N VAL E 36 30.88 -7.68 23.33
CA VAL E 36 31.66 -6.53 22.90
C VAL E 36 33.03 -6.53 23.58
N VAL E 37 34.06 -6.40 22.76
CA VAL E 37 35.44 -6.51 23.17
C VAL E 37 36.19 -5.25 22.69
N VAL E 38 36.41 -4.31 23.60
CA VAL E 38 37.23 -3.13 23.30
C VAL E 38 38.75 -3.46 23.29
N CYS E 39 39.43 -3.05 22.23
CA CYS E 39 40.78 -3.52 21.91
C CYS E 39 41.76 -2.38 21.64
N VAL E 40 43.02 -2.66 21.91
CA VAL E 40 44.13 -1.76 21.65
C VAL E 40 44.93 -2.37 20.53
N PHE E 41 44.74 -1.84 19.33
CA PHE E 41 45.37 -2.35 18.12
C PHE E 41 46.74 -1.69 17.98
N SER E 42 47.77 -2.50 17.79
CA SER E 42 49.16 -2.00 17.69
C SER E 42 49.56 -1.48 16.31
N GLY E 43 48.86 -1.89 15.26
CA GLY E 43 49.22 -1.55 13.90
C GLY E 43 50.20 -2.51 13.20
N ARG E 44 50.60 -3.59 13.89
CA ARG E 44 51.56 -4.55 13.35
C ARG E 44 50.98 -5.41 12.23
N PHE E 45 49.85 -6.03 12.52
CA PHE E 45 49.17 -6.94 11.63
C PHE E 45 47.69 -6.60 11.63
N GLU E 46 46.90 -7.32 10.86
CA GLU E 46 45.47 -7.33 11.09
C GLU E 46 45.24 -7.91 12.49
N ASP E 47 44.49 -7.21 13.33
CA ASP E 47 44.03 -7.83 14.58
C ASP E 47 45.15 -8.12 15.62
N SER E 48 46.29 -7.43 15.51
CA SER E 48 47.33 -7.58 16.53
C SER E 48 47.15 -6.52 17.63
N GLY E 49 47.04 -6.98 18.87
CA GLY E 49 46.91 -6.11 20.02
C GLY E 49 46.51 -6.84 21.30
N ALA E 50 45.87 -6.09 22.19
CA ALA E 50 45.45 -6.61 23.48
C ALA E 50 44.06 -6.08 23.83
N VAL E 51 43.31 -6.88 24.57
CA VAL E 51 41.98 -6.48 24.98
C VAL E 51 42.13 -5.45 26.11
N ALA E 52 41.49 -4.31 25.97
CA ALA E 52 41.46 -3.30 27.03
C ALA E 52 40.39 -3.63 28.05
N THR E 53 39.25 -4.11 27.57
CA THR E 53 38.10 -4.44 28.41
C THR E 53 36.99 -5.05 27.57
N ALA E 54 36.21 -5.92 28.17
CA ALA E 54 35.10 -6.58 27.49
C ALA E 54 33.87 -6.61 28.38
N ASN E 55 32.70 -6.71 27.77
CA ASN E 55 31.46 -6.70 28.54
C ASN E 55 31.14 -8.10 29.04
N TYR E 56 30.14 -8.20 29.91
CA TYR E 56 29.89 -9.46 30.61
C TYR E 56 29.57 -10.66 29.73
N GLU E 57 29.03 -10.44 28.53
CA GLU E 57 28.73 -11.52 27.61
C GLU E 57 29.99 -12.12 26.95
N ALA E 58 31.08 -11.36 26.91
CA ALA E 58 32.37 -11.83 26.39
C ALA E 58 33.23 -12.46 27.47
N ARG E 59 33.21 -11.87 28.67
CA ARG E 59 33.93 -12.40 29.82
C ARG E 59 33.45 -13.80 30.19
N LYS E 60 32.15 -14.04 29.97
CA LYS E 60 31.53 -15.35 30.10
C LYS E 60 32.40 -16.51 29.53
N PHE E 61 33.10 -16.24 28.43
CA PHE E 61 33.81 -17.26 27.69
C PHE E 61 35.34 -17.14 27.78
N GLY E 62 35.85 -16.23 28.60
CA GLY E 62 37.29 -16.07 28.83
C GLY E 62 37.92 -14.81 28.28
N VAL E 63 37.13 -13.94 27.65
CA VAL E 63 37.66 -12.82 26.91
C VAL E 63 37.77 -11.64 27.84
N LYS E 64 38.97 -11.43 28.39
CA LYS E 64 39.18 -10.42 29.44
C LYS E 64 40.35 -9.50 29.11
N ALA E 65 40.39 -8.36 29.81
CA ALA E 65 41.45 -7.37 29.61
C ALA E 65 42.77 -8.04 29.91
N GLY E 66 43.78 -7.77 29.07
CA GLY E 66 45.07 -8.41 29.21
C GLY E 66 45.37 -9.39 28.09
N ILE E 67 44.48 -10.33 27.83
CA ILE E 67 44.77 -11.36 26.80
C ILE E 67 44.94 -10.80 25.38
N PRO E 68 45.76 -11.45 24.57
CA PRO E 68 45.91 -11.04 23.16
C PRO E 68 44.61 -11.13 22.37
N ILE E 69 44.47 -10.28 21.36
CA ILE E 69 43.30 -10.28 20.49
C ILE E 69 43.13 -11.61 19.77
N VAL E 70 44.23 -12.28 19.45
CA VAL E 70 44.14 -13.55 18.73
C VAL E 70 43.61 -14.64 19.63
N GLU E 71 43.94 -14.58 20.93
CA GLU E 71 43.30 -15.49 21.87
C GLU E 71 41.78 -15.28 21.85
N ALA E 72 41.35 -14.03 21.87
CA ALA E 72 39.93 -13.68 21.91
C ALA E 72 39.19 -14.12 20.67
N LYS E 73 39.82 -14.01 19.51
CA LYS E 73 39.16 -14.33 18.24
C LYS E 73 39.05 -15.84 18.06
N LYS E 74 39.91 -16.57 18.76
CA LYS E 74 39.79 -18.02 18.89
C LYS E 74 38.59 -18.40 19.75
N ILE E 75 38.34 -17.64 20.81
CA ILE E 75 37.21 -17.93 21.67
C ILE E 75 35.89 -17.42 21.10
N LEU E 76 35.88 -16.16 20.65
CA LEU E 76 34.65 -15.53 20.14
C LEU E 76 34.90 -14.83 18.80
N PRO E 77 35.00 -15.60 17.72
CA PRO E 77 35.20 -15.03 16.39
C PRO E 77 34.09 -14.08 15.92
N ASN E 78 32.85 -14.31 16.34
CA ASN E 78 31.72 -13.47 15.91
C ASN E 78 31.39 -12.32 16.86
N ALA E 79 32.24 -12.12 17.87
CA ALA E 79 32.07 -10.97 18.77
C ALA E 79 32.41 -9.67 18.06
N VAL E 80 31.81 -8.58 18.51
CA VAL E 80 32.11 -7.27 17.98
C VAL E 80 33.40 -6.77 18.64
N TYR E 81 34.42 -6.61 17.81
CA TYR E 81 35.74 -6.12 18.23
C TYR E 81 35.90 -4.68 17.82
N LEU E 82 35.89 -3.79 18.79
CA LEU E 82 35.97 -2.36 18.52
C LEU E 82 37.33 -1.81 18.92
N PRO E 83 37.80 -0.81 18.19
CA PRO E 83 39.02 -0.10 18.59
C PRO E 83 38.70 0.81 19.77
N MET E 84 39.71 1.07 20.59
CA MET E 84 39.55 1.85 21.80
C MET E 84 39.50 3.33 21.47
N ARG E 85 38.59 4.04 22.12
CA ARG E 85 38.42 5.46 21.90
C ARG E 85 38.49 6.19 23.25
N LYS E 86 39.73 6.29 23.79
CA LYS E 86 39.96 6.76 25.16
C LYS E 86 39.47 8.19 25.35
N GLU E 87 39.62 8.99 24.32
CA GLU E 87 39.20 10.38 24.34
C GLU E 87 37.68 10.46 24.56
N VAL E 88 36.93 9.52 23.99
CA VAL E 88 35.47 9.50 24.12
C VAL E 88 35.06 9.05 25.52
N TYR E 89 35.69 8.01 26.02
CA TYR E 89 35.37 7.49 27.34
C TYR E 89 35.76 8.52 28.38
N GLN E 90 36.83 9.25 28.11
CA GLN E 90 37.31 10.24 29.07
C GLN E 90 36.27 11.32 29.22
N GLN E 91 35.76 11.82 28.11
CA GLN E 91 34.71 12.82 28.14
C GLN E 91 33.48 12.34 28.92
N VAL E 92 33.05 11.11 28.65
CA VAL E 92 31.89 10.53 29.31
C VAL E 92 32.16 10.44 30.81
N SER E 93 33.29 9.85 31.17
CA SER E 93 33.70 9.76 32.57
C SER E 93 33.63 11.09 33.30
N SER E 94 34.16 12.14 32.67
CA SER E 94 34.20 13.47 33.25
C SER E 94 32.82 14.06 33.48
N ARG E 95 31.88 13.76 32.58
CA ARG E 95 30.50 14.20 32.77
C ARG E 95 29.82 13.43 33.89
N ILE E 96 30.20 12.17 34.11
CA ILE E 96 29.67 11.40 35.24
C ILE E 96 30.28 11.87 36.56
N MET E 97 31.56 12.21 36.56
CA MET E 97 32.25 12.70 37.76
C MET E 97 31.63 14.03 38.21
N ASN E 98 31.19 14.83 37.26
CA ASN E 98 30.53 16.09 37.57
C ASN E 98 29.22 15.87 38.32
N LEU E 99 28.45 14.86 37.90
CA LEU E 99 27.24 14.48 38.61
C LEU E 99 27.56 14.03 40.02
N LEU E 100 28.68 13.34 40.19
CA LEU E 100 29.06 12.83 41.49
C LEU E 100 29.38 13.97 42.48
N ARG E 101 29.90 15.09 41.98
CA ARG E 101 30.23 16.24 42.83
C ARG E 101 28.99 16.92 43.42
N GLU E 102 27.84 16.73 42.78
CA GLU E 102 26.56 17.24 43.30
C GLU E 102 26.17 16.57 44.63
N TYR E 103 26.74 15.40 44.90
CA TYR E 103 26.44 14.64 46.12
C TYR E 103 27.51 14.78 47.20
N SER E 104 28.73 15.14 46.81
CA SER E 104 29.81 15.37 47.78
C SER E 104 30.95 16.22 47.24
N GLU E 105 31.39 17.17 48.06
CA GLU E 105 32.56 17.99 47.78
C GLU E 105 33.85 17.13 47.87
N LYS E 106 33.91 16.24 48.86
CA LYS E 106 35.05 15.35 49.05
C LYS E 106 34.93 14.14 48.14
N ILE E 107 35.77 14.10 47.12
CA ILE E 107 35.74 13.07 46.09
C ILE E 107 37.16 12.69 45.73
N GLU E 108 37.33 11.47 45.22
CA GLU E 108 38.63 11.00 44.75
C GLU E 108 38.40 10.26 43.43
N ILE E 109 38.99 10.79 42.36
CA ILE E 109 38.97 10.11 41.07
C ILE E 109 40.12 9.12 41.11
N ALA E 110 39.81 7.84 41.35
CA ALA E 110 40.83 6.80 41.36
C ALA E 110 41.23 6.42 39.96
N SER E 111 40.27 6.41 39.04
CA SER E 111 40.58 6.13 37.65
C SER E 111 39.52 6.68 36.71
N ILE E 112 39.56 6.23 35.46
CA ILE E 112 38.65 6.74 34.45
C ILE E 112 37.22 6.25 34.68
N ASP E 113 37.08 5.14 35.42
CA ASP E 113 35.77 4.60 35.75
C ASP E 113 35.49 4.36 37.26
N GLU E 114 36.31 4.92 38.15
CA GLU E 114 36.19 4.68 39.60
C GLU E 114 36.28 5.98 40.40
N ALA E 115 35.33 6.21 41.30
CA ALA E 115 35.46 7.34 42.22
C ALA E 115 34.95 7.01 43.63
N TYR E 116 35.62 7.58 44.63
CA TYR E 116 35.22 7.48 46.03
C TYR E 116 34.66 8.79 46.49
N LEU E 117 33.54 8.75 47.19
CA LEU E 117 32.93 9.93 47.76
C LEU E 117 32.93 9.77 49.28
N ASP E 118 33.52 10.70 50.00
CA ASP E 118 33.35 10.74 51.44
C ASP E 118 31.99 11.38 51.71
N ILE E 119 31.09 10.62 52.33
CA ILE E 119 29.72 11.11 52.59
C ILE E 119 29.39 11.15 54.09
N SER E 120 30.36 11.55 54.90
CA SER E 120 30.24 11.59 56.36
C SER E 120 29.40 12.78 56.87
N ASP E 121 29.40 13.87 56.10
CA ASP E 121 28.59 15.04 56.40
C ASP E 121 27.38 15.11 55.47
N LYS E 122 27.07 14.01 54.80
CA LYS E 122 25.90 13.93 53.93
C LYS E 122 24.86 12.93 54.45
N VAL E 123 25.30 11.91 55.19
CA VAL E 123 24.41 10.89 55.74
C VAL E 123 24.85 10.43 57.13
N ARG E 124 23.88 10.06 57.97
CA ARG E 124 24.16 9.64 59.34
C ARG E 124 24.53 8.16 59.49
N ASP E 125 23.76 7.27 58.85
CA ASP E 125 23.94 5.82 58.99
C ASP E 125 23.96 5.10 57.63
N TYR E 126 24.23 3.80 57.64
CA TYR E 126 24.31 3.02 56.40
C TYR E 126 22.97 2.87 55.66
N ARG E 127 21.85 3.11 56.34
CA ARG E 127 20.55 3.07 55.69
C ARG E 127 20.47 4.19 54.64
N GLU E 128 20.83 5.39 55.05
CA GLU E 128 20.77 6.57 54.20
C GLU E 128 21.77 6.43 53.07
N ALA E 129 22.92 5.87 53.38
CA ALA E 129 23.98 5.67 52.39
C ALA E 129 23.47 4.84 51.23
N TYR E 130 22.76 3.76 51.55
CA TYR E 130 22.15 2.92 50.54
C TYR E 130 21.21 3.77 49.67
N ASN E 131 20.38 4.59 50.32
CA ASN E 131 19.38 5.39 49.62
C ASN E 131 19.97 6.45 48.70
N LEU E 132 21.11 6.99 49.12
CA LEU E 132 21.82 7.97 48.32
C LEU E 132 22.50 7.22 47.19
N GLY E 133 22.94 5.99 47.48
CA GLY E 133 23.52 5.13 46.49
C GLY E 133 22.58 4.85 45.34
N LEU E 134 21.30 4.58 45.65
CA LEU E 134 20.28 4.39 44.60
C LEU E 134 20.01 5.71 43.91
N GLU E 135 20.18 6.81 44.62
CA GLU E 135 20.03 8.11 44.01
C GLU E 135 21.17 8.44 43.07
N ILE E 136 22.34 7.85 43.29
CA ILE E 136 23.45 8.06 42.37
C ILE E 136 23.29 7.12 41.17
N LYS E 137 22.88 5.89 41.43
CA LYS E 137 22.60 4.92 40.36
C LYS E 137 21.57 5.48 39.40
N ASN E 138 20.42 5.92 39.92
CA ASN E 138 19.31 6.42 39.09
C ASN E 138 19.73 7.65 38.31
N LYS E 139 20.48 8.53 38.94
CA LYS E 139 20.94 9.77 38.33
C LYS E 139 21.84 9.55 37.13
N ILE E 140 22.74 8.58 37.23
CA ILE E 140 23.71 8.34 36.16
C ILE E 140 23.01 7.61 35.04
N LEU E 141 22.06 6.75 35.39
CA LEU E 141 21.24 6.07 34.41
C LEU E 141 20.40 7.07 33.61
N GLU E 142 19.95 8.11 34.30
CA GLU E 142 19.06 9.14 33.75
C GLU E 142 19.77 9.96 32.69
N LYS E 143 20.97 10.44 33.03
CA LYS E 143 21.68 11.41 32.20
C LYS E 143 22.54 10.76 31.13
N GLU E 144 23.26 9.70 31.47
CA GLU E 144 24.25 9.10 30.57
C GLU E 144 23.91 7.68 30.12
N LYS E 145 22.77 7.16 30.56
CA LYS E 145 22.38 5.78 30.26
C LYS E 145 23.47 4.75 30.60
N ILE E 146 24.24 5.03 31.67
CA ILE E 146 25.31 4.15 32.15
C ILE E 146 24.93 3.53 33.50
N THR E 147 24.99 2.20 33.57
CA THR E 147 24.84 1.50 34.84
C THR E 147 26.17 1.53 35.59
N VAL E 148 26.09 1.54 36.91
CA VAL E 148 27.27 1.47 37.77
C VAL E 148 26.98 0.58 38.97
N THR E 149 28.05 0.22 39.68
CA THR E 149 27.92 -0.49 40.92
C THR E 149 28.33 0.42 42.08
N VAL E 150 27.53 0.45 43.13
CA VAL E 150 27.82 1.27 44.30
C VAL E 150 28.22 0.34 45.44
N GLY E 151 29.30 0.66 46.12
CA GLY E 151 29.71 -0.03 47.33
C GLY E 151 29.88 0.96 48.47
N ILE E 152 29.34 0.63 49.64
CA ILE E 152 29.41 1.50 50.81
C ILE E 152 30.05 0.76 52.00
N SER E 153 31.06 1.38 52.62
CA SER E 153 31.67 0.86 53.84
C SER E 153 32.27 1.96 54.73
N LYS E 154 33.05 1.57 55.73
CA LYS E 154 33.73 2.51 56.63
C LYS E 154 35.05 3.08 56.09
N ASN E 155 35.58 2.47 55.03
CA ASN E 155 36.82 2.95 54.39
C ASN E 155 36.87 2.62 52.90
N LYS E 156 37.79 3.28 52.20
CA LYS E 156 37.91 3.16 50.75
C LYS E 156 37.99 1.71 50.31
N VAL E 157 38.81 0.92 50.99
CA VAL E 157 39.05 -0.46 50.58
C VAL E 157 37.82 -1.39 50.68
N PHE E 158 37.10 -1.32 51.78
CA PHE E 158 35.96 -2.22 51.94
C PHE E 158 34.75 -1.75 51.15
N ALA E 159 34.68 -0.45 50.85
CA ALA E 159 33.72 0.09 49.89
C ALA E 159 33.98 -0.42 48.46
N LYS E 160 35.24 -0.59 48.09
CA LYS E 160 35.58 -1.14 46.78
C LYS E 160 35.30 -2.66 46.70
N ILE E 161 35.52 -3.39 47.79
CA ILE E 161 35.22 -4.83 47.86
C ILE E 161 33.70 -5.03 47.76
N ALA E 162 32.94 -4.08 48.32
CA ALA E 162 31.48 -4.18 48.31
C ALA E 162 30.96 -4.08 46.89
N ALA E 163 31.58 -3.21 46.10
CA ALA E 163 31.20 -3.08 44.70
C ALA E 163 31.57 -4.35 43.93
N ASP E 164 32.70 -4.96 44.27
CA ASP E 164 33.17 -6.17 43.56
C ASP E 164 32.25 -7.37 43.73
N MET E 165 31.64 -7.50 44.90
CA MET E 165 30.74 -8.59 45.20
C MET E 165 29.38 -8.41 44.53
N ALA E 166 28.98 -7.15 44.38
CA ALA E 166 27.69 -6.83 43.80
C ALA E 166 27.77 -6.50 42.32
N LYS E 167 28.93 -6.67 41.69
CA LYS E 167 29.11 -6.32 40.26
C LYS E 167 27.87 -6.74 39.45
N PRO E 168 27.88 -6.55 38.15
CA PRO E 168 26.99 -5.65 37.38
C PRO E 168 25.81 -5.01 38.11
N ASN E 169 25.57 -3.75 37.76
CA ASN E 169 24.36 -3.01 38.13
C ASN E 169 23.91 -3.21 39.59
N GLY E 170 24.85 -3.30 40.51
CA GLY E 170 24.55 -3.65 41.88
C GLY E 170 24.69 -2.53 42.89
N ILE E 171 24.45 -2.89 44.14
CA ILE E 171 24.63 -2.00 45.28
C ILE E 171 24.74 -2.84 46.53
N LYS E 172 25.67 -2.50 47.42
CA LYS E 172 25.98 -3.37 48.56
C LYS E 172 26.71 -2.61 49.66
N VAL E 173 26.12 -2.64 50.85
CA VAL E 173 26.75 -2.14 52.07
C VAL E 173 27.53 -3.27 52.77
N ILE E 174 28.60 -2.89 53.45
CA ILE E 174 29.38 -3.78 54.31
C ILE E 174 29.48 -3.07 55.65
N ASP E 175 28.66 -3.47 56.62
CA ASP E 175 28.69 -2.80 57.93
C ASP E 175 29.89 -3.27 58.74
N ASP E 176 30.08 -2.64 59.89
CA ASP E 176 31.28 -2.84 60.70
C ASP E 176 31.52 -4.29 61.10
N GLU E 177 30.44 -5.02 61.31
CA GLU E 177 30.56 -6.40 61.77
C GLU E 177 30.92 -7.35 60.62
N GLU E 178 30.51 -7.01 59.40
CA GLU E 178 30.95 -7.75 58.21
C GLU E 178 32.40 -7.41 57.82
N VAL E 179 32.88 -6.22 58.18
CA VAL E 179 34.29 -5.92 58.01
C VAL E 179 35.08 -6.90 58.87
N LYS E 180 34.68 -7.01 60.14
CA LYS E 180 35.33 -7.92 61.08
C LYS E 180 35.35 -9.33 60.50
N ARG E 181 34.22 -9.75 59.94
CA ARG E 181 34.06 -11.07 59.36
C ARG E 181 34.95 -11.29 58.13
N LEU E 182 35.11 -10.24 57.34
CA LEU E 182 35.85 -10.33 56.07
C LEU E 182 37.36 -10.30 56.29
N ILE E 183 37.83 -9.58 57.30
CA ILE E 183 39.23 -9.65 57.71
C ILE E 183 39.55 -11.12 57.99
N ARG E 184 38.59 -11.84 58.56
CA ARG E 184 38.75 -13.26 58.87
C ARG E 184 38.59 -14.20 57.66
N GLU E 185 37.59 -13.97 56.82
CA GLU E 185 37.13 -14.99 55.86
C GLU E 185 37.22 -14.66 54.36
N LEU E 186 37.54 -13.42 54.01
CA LEU E 186 37.70 -13.03 52.60
C LEU E 186 39.00 -13.54 52.01
N ASP E 187 38.89 -14.27 50.90
CA ASP E 187 40.03 -14.61 50.03
C ASP E 187 40.87 -13.36 49.90
N ILE E 188 42.16 -13.44 50.21
CA ILE E 188 42.98 -12.24 50.25
C ILE E 188 43.29 -11.73 48.85
N ALA E 189 43.14 -12.58 47.84
CA ALA E 189 43.33 -12.19 46.44
C ALA E 189 42.26 -11.22 45.93
N ASP E 190 41.14 -11.13 46.64
CA ASP E 190 40.06 -10.19 46.30
C ASP E 190 40.19 -8.83 47.00
N VAL E 191 41.28 -8.63 47.73
CA VAL E 191 41.61 -7.32 48.28
C VAL E 191 42.17 -6.43 47.17
N PRO E 192 41.59 -5.25 46.97
CA PRO E 192 42.10 -4.30 45.97
C PRO E 192 43.59 -4.07 46.05
N GLY E 193 44.22 -4.01 44.88
CA GLY E 193 45.66 -3.87 44.76
C GLY E 193 46.43 -5.19 44.78
N ILE E 194 45.74 -6.30 45.03
CA ILE E 194 46.39 -7.60 45.13
C ILE E 194 46.08 -8.46 43.91
N GLY E 195 46.96 -8.38 42.92
CA GLY E 195 46.83 -9.14 41.69
C GLY E 195 47.18 -10.60 41.87
N ASN E 196 47.11 -11.35 40.77
CA ASN E 196 47.35 -12.79 40.81
C ASN E 196 48.80 -13.14 41.14
N ILE E 197 49.76 -12.32 40.72
CA ILE E 197 51.16 -12.57 41.09
C ILE E 197 51.30 -12.51 42.63
N THR E 198 50.87 -11.41 43.21
CA THR E 198 50.95 -11.24 44.66
C THR E 198 50.10 -12.26 45.43
N ALA E 199 48.98 -12.69 44.88
CA ALA E 199 48.14 -13.69 45.53
C ALA E 199 48.86 -15.03 45.63
N GLU E 200 49.66 -15.37 44.61
CA GLU E 200 50.41 -16.61 44.64
C GLU E 200 51.61 -16.56 45.58
N LYS E 201 52.24 -15.39 45.72
CA LYS E 201 53.37 -15.25 46.64
C LYS E 201 52.90 -15.33 48.09
N LEU E 202 51.76 -14.70 48.37
CA LEU E 202 51.10 -14.76 49.66
C LEU E 202 50.67 -16.17 50.02
N LYS E 203 50.13 -16.90 49.04
CA LYS E 203 49.68 -18.28 49.23
C LYS E 203 50.88 -19.19 49.55
N LYS E 204 52.06 -18.82 49.06
CA LYS E 204 53.29 -19.55 49.34
C LYS E 204 53.81 -19.31 50.76
N LEU E 205 53.48 -18.17 51.34
CA LEU E 205 53.79 -17.87 52.74
C LEU E 205 52.72 -18.40 53.70
N GLY E 206 51.60 -18.86 53.15
CA GLY E 206 50.51 -19.38 53.97
C GLY E 206 49.55 -18.30 54.46
N ILE E 207 49.46 -17.23 53.68
CA ILE E 207 48.50 -16.17 53.94
C ILE E 207 47.36 -16.26 52.91
N ASN E 208 46.21 -16.75 53.38
CA ASN E 208 45.02 -16.88 52.54
C ASN E 208 43.94 -15.85 52.86
N LYS E 209 43.95 -15.32 54.09
CA LYS E 209 42.99 -14.31 54.53
C LYS E 209 43.73 -13.09 55.09
N LEU E 210 43.04 -11.95 55.16
CA LEU E 210 43.65 -10.73 55.67
C LEU E 210 44.24 -10.92 57.07
N VAL E 211 43.57 -11.69 57.92
CA VAL E 211 43.98 -11.84 59.33
C VAL E 211 45.29 -12.62 59.46
N ASP E 212 45.63 -13.41 58.44
CA ASP E 212 46.86 -14.18 58.42
C ASP E 212 48.13 -13.32 58.32
N THR E 213 47.98 -12.06 57.94
CA THR E 213 49.14 -11.14 57.84
C THR E 213 49.68 -10.69 59.21
N LEU E 214 49.03 -11.11 60.29
CA LEU E 214 49.43 -10.74 61.64
C LEU E 214 50.10 -11.90 62.41
N SER E 215 50.25 -13.05 61.74
CA SER E 215 50.95 -14.20 62.33
C SER E 215 52.40 -14.23 61.88
N ILE E 216 52.59 -13.93 60.60
CA ILE E 216 53.90 -13.84 59.99
C ILE E 216 54.65 -12.57 60.46
N GLU E 217 55.96 -12.69 60.69
CA GLU E 217 56.78 -11.53 61.07
C GLU E 217 56.74 -10.49 59.96
N PHE E 218 56.78 -9.21 60.33
CA PHE E 218 56.65 -8.13 59.36
C PHE E 218 57.73 -8.15 58.27
N ASP E 219 58.98 -8.47 58.63
CA ASP E 219 60.10 -8.44 57.69
C ASP E 219 60.05 -9.57 56.66
N LYS E 220 59.41 -10.67 57.02
CA LYS E 220 59.24 -11.81 56.12
C LYS E 220 58.16 -11.50 55.09
N LEU E 221 57.17 -10.68 55.48
CA LEU E 221 56.12 -10.22 54.58
C LEU E 221 56.60 -9.10 53.68
N LYS E 222 57.42 -8.20 54.22
CA LYS E 222 57.98 -7.07 53.48
C LYS E 222 59.01 -7.57 52.47
N GLY E 223 59.70 -8.66 52.83
CA GLY E 223 60.73 -9.22 51.99
C GLY E 223 60.16 -9.90 50.77
N MET E 224 58.87 -10.17 50.80
CA MET E 224 58.19 -10.91 49.73
C MET E 224 57.36 -10.01 48.82
N ILE E 225 56.65 -9.02 49.38
CA ILE E 225 55.69 -8.22 48.60
C ILE E 225 55.91 -6.71 48.64
N GLY E 226 57.07 -6.29 49.16
CA GLY E 226 57.40 -4.88 49.35
C GLY E 226 56.79 -4.25 50.60
N GLU E 227 57.43 -3.19 51.10
CA GLU E 227 56.95 -2.50 52.30
C GLU E 227 55.55 -1.90 52.12
N ALA E 228 55.23 -1.46 50.92
CA ALA E 228 54.00 -0.72 50.65
C ALA E 228 52.78 -1.64 50.82
N LYS E 229 52.75 -2.72 50.05
CA LYS E 229 51.67 -3.70 50.16
C LYS E 229 51.70 -4.44 51.49
N ALA E 230 52.88 -4.52 52.12
CA ALA E 230 52.99 -5.10 53.45
C ALA E 230 52.15 -4.29 54.46
N LYS E 231 52.53 -3.04 54.67
CA LYS E 231 51.83 -2.10 55.59
C LYS E 231 50.34 -1.98 55.30
N TYR E 232 49.99 -2.05 54.03
CA TYR E 232 48.62 -1.91 53.55
C TYR E 232 47.77 -3.05 54.08
N LEU E 233 48.25 -4.28 53.91
CA LEU E 233 47.49 -5.47 54.33
C LEU E 233 47.43 -5.61 55.84
N ILE E 234 48.54 -5.36 56.53
CA ILE E 234 48.56 -5.41 57.99
C ILE E 234 47.60 -4.39 58.57
N SER E 235 47.44 -3.27 57.88
CA SER E 235 46.61 -2.17 58.34
C SER E 235 45.12 -2.52 58.25
N LEU E 236 44.72 -3.04 57.09
CA LEU E 236 43.38 -3.55 56.87
C LEU E 236 43.04 -4.66 57.84
N ALA E 237 44.06 -5.43 58.21
CA ALA E 237 43.89 -6.59 59.07
C ALA E 237 43.61 -6.16 60.49
N ARG E 238 44.20 -5.05 60.91
CA ARG E 238 43.99 -4.48 62.24
C ARG E 238 42.65 -3.76 62.33
N ASP E 239 42.08 -3.43 61.16
CA ASP E 239 40.89 -2.60 61.06
C ASP E 239 41.28 -1.15 61.38
N GLU E 240 42.52 -0.79 61.07
CA GLU E 240 43.06 0.54 61.37
C GLU E 240 43.15 1.44 60.13
N TYR E 241 42.98 0.86 58.94
CA TYR E 241 43.07 1.61 57.69
C TYR E 241 42.02 2.73 57.64
N ASN E 242 42.47 3.94 57.31
CA ASN E 242 41.58 5.11 57.26
C ASN E 242 42.15 6.25 56.40
N GLU E 243 42.70 5.92 55.23
CA GLU E 243 43.24 6.92 54.32
C GLU E 243 42.13 7.87 53.86
N PRO E 244 42.39 9.18 53.88
CA PRO E 244 41.38 10.16 53.44
C PRO E 244 41.07 10.07 51.95
N ILE E 245 39.91 10.60 51.59
CA ILE E 245 39.49 10.74 50.21
C ILE E 245 40.12 12.02 49.68
N ARG E 246 40.98 11.91 48.66
CA ARG E 246 41.73 13.07 48.16
C ARG E 246 42.12 12.96 46.67
N THR E 247 42.23 14.13 46.04
CA THR E 247 42.77 14.28 44.69
C THR E 247 44.08 13.50 44.58
N ARG E 248 44.11 12.49 43.72
CA ARG E 248 45.31 11.70 43.46
C ARG E 248 46.33 12.51 42.66
N VAL E 249 47.46 12.85 43.26
CA VAL E 249 48.49 13.60 42.53
C VAL E 249 49.36 12.67 41.68
N ARG E 250 49.29 12.86 40.37
CA ARG E 250 50.02 12.05 39.40
C ARG E 250 51.53 12.37 39.46
N LYS E 251 52.35 11.35 39.70
CA LYS E 251 53.81 11.53 39.87
C LYS E 251 54.59 11.49 38.54
N SER E 252 54.04 10.85 37.52
CA SER E 252 54.69 10.82 36.22
C SER E 252 53.67 10.72 35.08
N ILE E 253 54.05 11.19 33.89
CA ILE E 253 53.17 11.20 32.72
C ILE E 253 53.99 10.92 31.46
N GLY E 254 53.38 10.28 30.47
CA GLY E 254 54.11 9.86 29.30
C GLY E 254 53.35 8.98 28.34
N ARG E 255 53.97 8.69 27.20
CA ARG E 255 53.41 7.80 26.18
C ARG E 255 54.50 6.88 25.62
N ILE E 256 54.15 5.63 25.35
CA ILE E 256 54.99 4.82 24.50
C ILE E 256 54.14 4.08 23.45
N VAL E 257 54.62 4.12 22.22
CA VAL E 257 53.89 3.65 21.08
C VAL E 257 54.58 2.43 20.49
N THR E 258 53.80 1.63 19.76
CA THR E 258 54.35 0.51 19.01
C THR E 258 54.73 0.96 17.63
N MET E 259 55.94 0.59 17.21
CA MET E 259 56.44 0.96 15.89
C MET E 259 55.88 0.01 14.88
N LYS E 260 55.84 0.44 13.63
CA LYS E 260 55.28 -0.37 12.58
C LYS E 260 56.13 -1.65 12.46
N ARG E 261 57.46 -1.49 12.37
CA ARG E 261 58.40 -2.63 12.38
C ARG E 261 59.55 -2.40 13.37
N ASN E 262 60.12 -3.49 13.89
CA ASN E 262 61.25 -3.38 14.81
C ASN E 262 62.40 -2.67 14.11
N SER E 263 63.28 -2.02 14.88
CA SER E 263 64.32 -1.16 14.30
C SER E 263 65.40 -0.75 15.30
N ARG E 264 66.55 -0.39 14.74
CA ARG E 264 67.68 0.21 15.46
C ARG E 264 68.17 1.44 14.73
N ASN E 265 67.30 2.05 13.94
CA ASN E 265 67.68 3.12 13.04
C ASN E 265 67.15 4.43 13.59
N LEU E 266 68.07 5.27 14.08
CA LEU E 266 67.72 6.54 14.71
C LEU E 266 66.63 7.31 13.95
N GLU E 267 66.82 7.47 12.65
CA GLU E 267 65.90 8.28 11.82
C GLU E 267 64.55 7.58 11.58
N GLU E 268 64.53 6.26 11.65
CA GLU E 268 63.27 5.51 11.56
C GLU E 268 62.46 5.58 12.87
N ILE E 269 63.15 5.75 14.00
CA ILE E 269 62.54 5.76 15.35
C ILE E 269 62.14 7.18 15.76
N LYS E 270 63.02 8.13 15.45
CA LYS E 270 62.80 9.56 15.68
C LYS E 270 61.33 9.97 15.60
N PRO E 271 60.64 9.69 14.49
CA PRO E 271 59.26 10.16 14.32
C PRO E 271 58.34 9.66 15.41
N TYR E 272 58.44 8.39 15.79
CA TYR E 272 57.63 7.79 16.86
C TYR E 272 57.89 8.40 18.24
N LEU E 273 59.17 8.57 18.57
CA LEU E 273 59.56 9.15 19.85
C LEU E 273 59.05 10.58 19.94
N PHE E 274 59.16 11.30 18.84
CA PHE E 274 58.72 12.68 18.76
C PHE E 274 57.20 12.77 18.88
N ARG E 275 56.51 11.78 18.32
CA ARG E 275 55.05 11.73 18.36
C ARG E 275 54.60 11.47 19.80
N ALA E 276 55.33 10.63 20.52
CA ALA E 276 55.03 10.27 21.90
C ALA E 276 55.27 11.44 22.86
N ILE E 277 56.30 12.23 22.58
CA ILE E 277 56.63 13.40 23.37
C ILE E 277 55.54 14.46 23.21
N GLU E 278 55.06 14.64 21.99
CA GLU E 278 53.98 15.58 21.74
C GLU E 278 52.78 15.24 22.58
N GLU E 279 52.34 13.99 22.45
CA GLU E 279 51.13 13.55 23.13
C GLU E 279 51.29 13.64 24.64
N SER E 280 52.48 13.33 25.11
CA SER E 280 52.79 13.42 26.53
C SER E 280 52.66 14.84 27.05
N TYR E 281 53.08 15.82 26.24
CA TYR E 281 53.12 17.23 26.66
C TYR E 281 51.74 17.86 26.77
N TYR E 282 50.85 17.46 25.87
CA TYR E 282 49.45 17.82 25.96
C TYR E 282 48.84 17.21 27.23
N LYS E 283 49.17 15.97 27.53
CA LYS E 283 48.70 15.35 28.77
C LYS E 283 49.21 16.10 30.01
N LEU E 284 50.41 16.69 29.94
CA LEU E 284 51.00 17.38 31.10
C LEU E 284 50.20 18.61 31.51
N ASP E 285 49.75 19.37 30.51
CA ASP E 285 48.82 20.50 30.70
C ASP E 285 49.23 21.43 31.85
N LYS E 286 50.25 22.26 31.57
CA LYS E 286 50.75 23.27 32.51
C LYS E 286 51.74 22.74 33.57
N ARG E 287 51.80 21.43 33.78
CA ARG E 287 52.78 20.85 34.68
C ARG E 287 54.17 20.91 34.03
N ILE E 288 55.19 21.26 34.81
CA ILE E 288 56.56 21.35 34.31
C ILE E 288 57.41 20.23 34.90
N PRO E 289 57.85 19.29 34.08
CA PRO E 289 58.71 18.20 34.58
C PRO E 289 60.17 18.61 34.60
N LYS E 290 60.93 18.04 35.54
CA LYS E 290 62.37 18.25 35.61
C LYS E 290 63.11 17.01 35.10
N ALA E 291 62.39 15.93 34.83
CA ALA E 291 63.03 14.67 34.45
C ALA E 291 62.36 14.01 33.24
N ILE E 292 63.19 13.45 32.37
CA ILE E 292 62.75 12.70 31.19
C ILE E 292 63.44 11.34 31.18
N HIS E 293 62.67 10.28 30.93
CA HIS E 293 63.21 8.96 30.62
C HIS E 293 62.66 8.54 29.28
N VAL E 294 63.56 8.17 28.36
CA VAL E 294 63.17 7.42 27.17
C VAL E 294 63.09 5.92 27.52
N VAL E 295 61.95 5.31 27.21
CA VAL E 295 61.72 3.89 27.43
C VAL E 295 61.63 3.21 26.06
N ALA E 296 62.59 2.33 25.79
CA ALA E 296 62.56 1.45 24.61
C ALA E 296 62.14 0.07 25.08
N VAL E 297 61.07 -0.48 24.52
CA VAL E 297 60.72 -1.89 24.71
C VAL E 297 61.30 -2.67 23.55
N THR E 298 62.05 -3.72 23.87
CA THR E 298 62.84 -4.44 22.89
C THR E 298 62.03 -5.53 22.15
N GLU E 299 62.67 -6.14 21.15
CA GLU E 299 62.13 -7.27 20.35
C GLU E 299 61.44 -8.37 21.17
N ASP E 300 61.92 -8.60 22.39
CA ASP E 300 61.42 -9.64 23.30
C ASP E 300 60.63 -9.09 24.50
N LEU E 301 59.98 -7.94 24.32
CA LEU E 301 59.24 -7.23 25.37
C LEU E 301 59.97 -6.95 26.71
N ASP E 302 61.32 -6.98 26.70
CA ASP E 302 62.12 -6.46 27.82
C ASP E 302 62.18 -4.93 27.70
N ILE E 303 62.69 -4.25 28.72
CA ILE E 303 62.68 -2.78 28.75
C ILE E 303 64.05 -2.19 29.01
N VAL E 304 64.34 -1.09 28.31
CA VAL E 304 65.64 -0.41 28.39
C VAL E 304 65.36 1.08 28.55
N SER E 305 65.46 1.56 29.79
CA SER E 305 65.29 2.98 30.12
C SER E 305 66.62 3.74 30.16
N ARG E 306 66.71 4.88 29.48
CA ARG E 306 67.74 5.90 29.73
C ARG E 306 67.11 7.26 30.09
N GLY E 307 67.63 7.91 31.12
CA GLY E 307 67.02 9.15 31.61
C GLY E 307 67.99 10.22 32.09
N ARG E 308 67.43 11.40 32.39
CA ARG E 308 68.18 12.55 32.90
C ARG E 308 67.27 13.39 33.79
N THR E 309 67.81 13.87 34.91
CA THR E 309 67.13 14.89 35.71
C THR E 309 67.88 16.21 35.51
N PHE E 310 67.13 17.28 35.32
CA PHE E 310 67.70 18.59 35.06
C PHE E 310 67.62 19.47 36.30
N PRO E 311 68.55 20.43 36.42
CA PRO E 311 68.48 21.42 37.49
C PRO E 311 67.23 22.29 37.32
N HIS E 312 66.79 22.45 36.07
CA HIS E 312 65.69 23.33 35.69
C HIS E 312 64.58 22.53 34.96
N GLY E 313 63.47 23.19 34.62
CA GLY E 313 62.35 22.53 33.96
C GLY E 313 62.55 22.18 32.49
N ILE E 314 61.74 21.26 31.98
CA ILE E 314 61.90 20.73 30.62
C ILE E 314 60.81 21.26 29.68
N SER E 315 61.22 21.97 28.63
CA SER E 315 60.30 22.46 27.61
C SER E 315 60.13 21.38 26.58
N LYS E 316 59.00 21.43 25.87
CA LYS E 316 58.73 20.49 24.76
C LYS E 316 59.93 20.33 23.81
N GLU E 317 60.54 21.47 23.51
CA GLU E 317 61.59 21.57 22.50
C GLU E 317 62.90 20.97 23.05
N THR E 318 63.13 21.16 24.34
CA THR E 318 64.27 20.55 25.01
C THR E 318 64.09 19.05 25.15
N ALA E 319 62.83 18.61 25.26
CA ALA E 319 62.52 17.19 25.35
C ALA E 319 62.89 16.48 24.06
N TYR E 320 62.70 17.11 22.90
CA TYR E 320 63.05 16.48 21.63
C TYR E 320 64.56 16.29 21.58
N SER E 321 65.30 17.38 21.77
CA SER E 321 66.77 17.35 21.81
C SER E 321 67.33 16.31 22.76
N GLU E 322 66.74 16.22 23.93
CA GLU E 322 67.27 15.39 24.99
C GLU E 322 66.89 13.92 24.83
N SER E 323 65.79 13.66 24.13
CA SER E 323 65.31 12.30 23.94
C SER E 323 66.11 11.60 22.85
N VAL E 324 66.64 12.35 21.91
CA VAL E 324 67.48 11.78 20.86
C VAL E 324 68.81 11.36 21.50
N LYS E 325 69.37 12.22 22.34
CA LYS E 325 70.57 11.89 23.10
C LYS E 325 70.39 10.57 23.85
N LEU E 326 69.30 10.48 24.59
CA LEU E 326 69.00 9.31 25.40
C LEU E 326 68.73 8.04 24.58
N LEU E 327 68.08 8.18 23.43
CA LEU E 327 67.82 7.05 22.55
C LEU E 327 69.10 6.54 21.92
N GLN E 328 69.97 7.46 21.50
CA GLN E 328 71.29 7.13 20.97
C GLN E 328 72.06 6.31 21.99
N LYS E 329 71.82 6.62 23.26
CA LYS E 329 72.49 5.95 24.36
C LYS E 329 71.98 4.50 24.50
N ILE E 330 70.69 4.29 24.26
CA ILE E 330 70.12 2.93 24.30
C ILE E 330 70.69 2.07 23.18
N LEU E 331 70.86 2.68 22.00
CA LEU E 331 71.39 1.99 20.83
C LEU E 331 72.88 1.62 21.01
N GLU E 332 73.62 2.39 21.79
CA GLU E 332 75.05 2.12 22.01
C GLU E 332 75.25 1.01 23.03
N GLU E 333 74.50 1.12 24.13
CA GLU E 333 74.68 0.26 25.32
C GLU E 333 73.87 -1.05 25.24
N ASP E 334 72.98 -1.15 24.25
CA ASP E 334 72.13 -2.35 24.03
C ASP E 334 71.88 -2.55 22.54
N GLU E 335 72.13 -3.76 22.04
CA GLU E 335 72.07 -3.98 20.58
C GLU E 335 70.86 -4.80 20.11
N ARG E 336 69.85 -4.98 20.97
CA ARG E 336 68.61 -5.63 20.55
C ARG E 336 67.79 -4.66 19.70
N LYS E 337 66.94 -5.17 18.83
CA LYS E 337 66.06 -4.30 18.06
C LYS E 337 64.98 -3.74 18.99
N ILE E 338 64.57 -2.50 18.73
CA ILE E 338 63.50 -1.88 19.49
C ILE E 338 62.16 -2.14 18.79
N ARG E 339 61.12 -2.37 19.58
CA ARG E 339 59.77 -2.63 19.07
C ARG E 339 58.81 -1.48 19.45
N ARG E 340 58.83 -1.06 20.72
CA ARG E 340 58.10 0.12 21.18
C ARG E 340 59.06 1.16 21.69
N ILE E 341 58.70 2.43 21.50
CA ILE E 341 59.52 3.54 21.97
C ILE E 341 58.65 4.64 22.52
N GLY E 342 59.17 5.36 23.50
CA GLY E 342 58.43 6.46 24.05
C GLY E 342 59.16 7.11 25.17
N VAL E 343 58.38 7.71 26.07
CA VAL E 343 58.91 8.74 26.94
C VAL E 343 58.07 8.89 28.20
N ARG E 344 58.74 9.28 29.26
CA ARG E 344 58.17 9.30 30.58
C ARG E 344 58.70 10.53 31.29
N PHE E 345 57.83 11.52 31.52
CA PHE E 345 58.15 12.72 32.30
C PHE E 345 57.78 12.56 33.76
N SER E 346 58.52 13.23 34.63
CA SER E 346 58.35 13.07 36.07
C SER E 346 59.02 14.22 36.81
N LYS E 347 58.94 14.20 38.14
CA LYS E 347 59.50 15.26 38.97
C LYS E 347 58.93 16.65 38.61
N PHE E 348 57.62 16.78 38.75
CA PHE E 348 56.93 18.04 38.42
C PHE E 348 57.16 19.11 39.50
N ILE E 349 57.18 20.36 39.07
CA ILE E 349 57.38 21.48 39.99
C ILE E 349 56.07 21.70 40.73
N GLY F 9 -56.71 5.90 -14.37
CA GLY F 9 -57.08 6.22 -15.78
C GLY F 9 -57.63 5.04 -16.55
N ILE F 10 -58.32 5.33 -17.65
CA ILE F 10 -58.82 4.32 -18.60
C ILE F 10 -58.25 4.59 -20.00
N VAL F 11 -57.98 3.53 -20.76
CA VAL F 11 -57.25 3.62 -22.03
C VAL F 11 -57.93 2.81 -23.12
N LEU F 12 -58.06 3.40 -24.31
CA LEU F 12 -58.76 2.77 -25.43
C LEU F 12 -57.83 2.66 -26.62
N PHE F 13 -57.36 1.45 -26.92
CA PHE F 13 -56.39 1.20 -27.98
C PHE F 13 -57.13 0.69 -29.22
N VAL F 14 -56.83 1.27 -30.38
CA VAL F 14 -57.41 0.82 -31.64
C VAL F 14 -56.33 0.28 -32.59
N ASP F 15 -56.49 -0.97 -33.02
CA ASP F 15 -55.59 -1.58 -34.01
C ASP F 15 -56.42 -1.92 -35.26
N PHE F 16 -55.95 -1.49 -36.43
CA PHE F 16 -56.62 -1.77 -37.70
C PHE F 16 -56.20 -3.18 -38.09
N ASP F 17 -57.19 -4.04 -38.32
CA ASP F 17 -56.91 -5.45 -38.62
C ASP F 17 -56.21 -5.60 -39.94
N TYR F 18 -55.21 -6.47 -39.94
CA TYR F 18 -54.36 -6.70 -41.10
C TYR F 18 -54.40 -5.54 -42.06
N PHE F 19 -54.01 -4.38 -41.55
CA PHE F 19 -54.29 -3.10 -42.17
C PHE F 19 -53.95 -3.00 -43.66
N TYR F 20 -52.71 -3.33 -44.03
CA TYR F 20 -52.29 -3.18 -45.43
C TYR F 20 -53.14 -4.02 -46.35
N ALA F 21 -53.34 -5.27 -46.00
CA ALA F 21 -54.17 -6.15 -46.82
C ALA F 21 -55.61 -5.63 -46.88
N GLN F 22 -56.11 -5.08 -45.77
CA GLN F 22 -57.48 -4.57 -45.72
C GLN F 22 -57.73 -3.38 -46.64
N VAL F 23 -56.75 -2.50 -46.78
CA VAL F 23 -56.89 -1.33 -47.64
C VAL F 23 -56.84 -1.72 -49.10
N GLU F 24 -56.13 -2.81 -49.40
CA GLU F 24 -56.16 -3.36 -50.76
C GLU F 24 -57.55 -3.89 -51.11
N GLU F 25 -58.26 -4.43 -50.11
CA GLU F 25 -59.63 -4.92 -50.32
C GLU F 25 -60.63 -3.78 -50.55
N VAL F 26 -60.49 -2.69 -49.80
CA VAL F 26 -61.36 -1.54 -49.95
C VAL F 26 -61.22 -1.00 -51.37
N LEU F 27 -59.98 -0.93 -51.84
CA LEU F 27 -59.67 -0.45 -53.18
C LEU F 27 -60.00 -1.45 -54.30
N ASN F 28 -60.02 -2.74 -53.98
CA ASN F 28 -60.36 -3.78 -54.96
C ASN F 28 -61.15 -4.89 -54.26
N PRO F 29 -62.43 -4.67 -54.02
CA PRO F 29 -63.28 -5.66 -53.32
C PRO F 29 -63.23 -7.11 -53.87
N SER F 30 -62.77 -7.33 -55.10
CA SER F 30 -62.70 -8.69 -55.65
C SER F 30 -61.72 -9.60 -54.87
N LEU F 31 -60.74 -8.98 -54.21
CA LEU F 31 -59.88 -9.64 -53.22
C LEU F 31 -60.65 -10.28 -52.04
N LYS F 32 -61.79 -9.70 -51.66
CA LYS F 32 -62.59 -10.20 -50.55
C LYS F 32 -62.81 -11.71 -50.62
N GLY F 33 -62.45 -12.42 -49.55
CA GLY F 33 -62.59 -13.87 -49.49
C GLY F 33 -61.38 -14.66 -49.97
N LYS F 34 -60.36 -13.95 -50.44
CA LYS F 34 -59.14 -14.56 -50.96
C LYS F 34 -58.03 -14.35 -49.94
N PRO F 35 -57.04 -15.23 -49.94
CA PRO F 35 -55.82 -14.99 -49.18
C PRO F 35 -55.02 -13.89 -49.88
N VAL F 36 -54.65 -12.85 -49.15
CA VAL F 36 -54.00 -11.69 -49.72
C VAL F 36 -52.74 -11.41 -48.94
N VAL F 37 -51.64 -11.24 -49.65
CA VAL F 37 -50.32 -11.15 -49.08
C VAL F 37 -49.63 -9.89 -49.59
N VAL F 38 -49.50 -8.88 -48.73
CA VAL F 38 -48.83 -7.63 -49.10
C VAL F 38 -47.33 -7.80 -48.89
N CYS F 39 -46.54 -7.40 -49.87
CA CYS F 39 -45.15 -7.77 -49.95
C CYS F 39 -44.22 -6.61 -50.26
N VAL F 40 -42.97 -6.74 -49.82
CA VAL F 40 -41.92 -5.83 -50.19
C VAL F 40 -41.10 -6.53 -51.24
N PHE F 41 -41.14 -6.02 -52.47
CA PHE F 41 -40.43 -6.64 -53.58
C PHE F 41 -39.14 -5.85 -53.77
N SER F 42 -38.02 -6.55 -53.77
CA SER F 42 -36.69 -5.94 -53.78
C SER F 42 -36.20 -5.55 -55.18
N GLY F 43 -36.63 -6.30 -56.19
CA GLY F 43 -36.15 -6.10 -57.54
C GLY F 43 -35.13 -7.14 -57.95
N ARG F 44 -34.27 -7.53 -57.00
CA ARG F 44 -33.28 -8.57 -57.23
C ARG F 44 -33.75 -9.70 -58.16
N PHE F 45 -35.00 -10.14 -58.01
CA PHE F 45 -35.57 -11.16 -58.90
C PHE F 45 -37.09 -11.04 -59.06
N GLU F 46 -37.64 -11.89 -59.94
CA GLU F 46 -39.05 -12.20 -59.89
C GLU F 46 -39.30 -12.77 -58.48
N ASP F 47 -40.17 -12.15 -57.69
CA ASP F 47 -40.58 -12.72 -56.38
C ASP F 47 -39.67 -12.39 -55.18
N SER F 48 -38.41 -12.00 -55.41
CA SER F 48 -37.50 -11.80 -54.27
C SER F 48 -38.11 -10.78 -53.30
N GLY F 49 -38.10 -11.09 -52.01
CA GLY F 49 -38.65 -10.17 -51.02
C GLY F 49 -39.15 -10.76 -49.71
N ALA F 50 -40.00 -9.97 -49.02
CA ALA F 50 -40.54 -10.33 -47.70
C ALA F 50 -42.01 -9.94 -47.55
N VAL F 51 -42.74 -10.72 -46.77
CA VAL F 51 -44.14 -10.46 -46.49
C VAL F 51 -44.22 -9.41 -45.42
N ALA F 52 -45.02 -8.37 -45.66
CA ALA F 52 -45.18 -7.29 -44.69
C ALA F 52 -46.48 -7.46 -43.90
N THR F 53 -47.51 -8.03 -44.52
CA THR F 53 -48.69 -8.48 -43.79
C THR F 53 -49.66 -9.26 -44.66
N ALA F 54 -50.43 -10.13 -44.03
CA ALA F 54 -51.37 -11.00 -44.72
C ALA F 54 -52.74 -10.88 -44.06
N ASN F 55 -53.80 -11.05 -44.84
CA ASN F 55 -55.13 -11.04 -44.27
C ASN F 55 -55.38 -12.38 -43.60
N TYR F 56 -56.56 -12.54 -43.00
CA TYR F 56 -56.87 -13.76 -42.25
C TYR F 56 -56.97 -15.01 -43.07
N GLU F 57 -57.37 -14.90 -44.33
CA GLU F 57 -57.44 -16.06 -45.22
C GLU F 57 -56.03 -16.67 -45.35
N ALA F 58 -55.03 -15.81 -45.46
CA ALA F 58 -53.62 -16.21 -45.62
C ALA F 58 -52.96 -16.70 -44.32
N ARG F 59 -53.21 -16.00 -43.21
CA ARG F 59 -52.62 -16.35 -41.90
C ARG F 59 -53.13 -17.67 -41.35
N LYS F 60 -54.35 -18.07 -41.72
CA LYS F 60 -54.94 -19.35 -41.30
C LYS F 60 -54.01 -20.49 -41.72
N PHE F 61 -53.44 -20.35 -42.91
CA PHE F 61 -52.56 -21.36 -43.48
C PHE F 61 -51.17 -21.27 -42.90
N GLY F 62 -50.81 -20.11 -42.38
CA GLY F 62 -49.55 -19.94 -41.68
C GLY F 62 -48.64 -18.89 -42.28
N VAL F 63 -49.08 -18.25 -43.36
CA VAL F 63 -48.34 -17.15 -43.95
C VAL F 63 -48.42 -15.95 -43.00
N LYS F 64 -47.26 -15.42 -42.58
CA LYS F 64 -47.22 -14.23 -41.72
C LYS F 64 -46.11 -13.27 -42.08
N ALA F 65 -46.25 -12.03 -41.62
CA ALA F 65 -45.26 -10.98 -41.86
C ALA F 65 -43.90 -11.43 -41.35
N GLY F 66 -42.85 -11.12 -42.10
CA GLY F 66 -41.48 -11.49 -41.74
C GLY F 66 -40.85 -12.47 -42.70
N ILE F 67 -41.64 -13.42 -43.18
CA ILE F 67 -41.09 -14.53 -43.97
C ILE F 67 -40.82 -14.10 -45.39
N PRO F 68 -39.98 -14.85 -46.12
CA PRO F 68 -39.72 -14.53 -47.52
C PRO F 68 -40.89 -14.92 -48.41
N ILE F 69 -41.10 -14.13 -49.46
CA ILE F 69 -42.19 -14.36 -50.41
C ILE F 69 -42.19 -15.78 -50.93
N VAL F 70 -41.02 -16.33 -51.22
CA VAL F 70 -40.93 -17.68 -51.77
C VAL F 70 -41.46 -18.72 -50.78
N GLU F 71 -41.23 -18.47 -49.50
CA GLU F 71 -41.78 -19.31 -48.43
C GLU F 71 -43.30 -19.22 -48.38
N ALA F 72 -43.83 -17.99 -48.48
CA ALA F 72 -45.28 -17.84 -48.54
C ALA F 72 -45.85 -18.56 -49.76
N LYS F 73 -45.09 -18.56 -50.86
CA LYS F 73 -45.51 -19.18 -52.10
C LYS F 73 -45.54 -20.70 -52.02
N LYS F 74 -44.69 -21.27 -51.17
CA LYS F 74 -44.72 -22.70 -50.91
C LYS F 74 -45.98 -23.11 -50.14
N ILE F 75 -46.47 -22.25 -49.26
CA ILE F 75 -47.69 -22.52 -48.50
C ILE F 75 -48.97 -22.22 -49.28
N LEU F 76 -49.01 -21.03 -49.90
CA LEU F 76 -50.13 -20.60 -50.75
C LEU F 76 -49.64 -20.17 -52.15
N PRO F 77 -49.42 -21.14 -53.04
CA PRO F 77 -49.01 -20.84 -54.43
C PRO F 77 -49.95 -19.90 -55.18
N ASN F 78 -51.25 -20.00 -54.95
CA ASN F 78 -52.22 -19.19 -55.70
C ASN F 78 -52.96 -18.09 -54.92
N ALA F 79 -52.36 -17.62 -53.85
CA ALA F 79 -52.85 -16.41 -53.20
C ALA F 79 -52.46 -15.21 -54.03
N VAL F 80 -53.11 -14.08 -53.78
CA VAL F 80 -52.81 -12.84 -54.47
C VAL F 80 -51.70 -12.09 -53.72
N TYR F 81 -50.58 -11.89 -54.41
CA TYR F 81 -49.39 -11.24 -53.86
C TYR F 81 -49.27 -9.83 -54.43
N LEU F 82 -49.47 -8.84 -53.58
CA LEU F 82 -49.44 -7.44 -53.99
C LEU F 82 -48.19 -6.73 -53.48
N PRO F 83 -47.65 -5.79 -54.26
CA PRO F 83 -46.51 -4.97 -53.81
C PRO F 83 -46.99 -3.97 -52.79
N MET F 84 -46.10 -3.51 -51.93
CA MET F 84 -46.51 -2.57 -50.89
C MET F 84 -46.72 -1.18 -51.45
N ARG F 85 -47.79 -0.54 -51.00
CA ARG F 85 -48.13 0.80 -51.39
C ARG F 85 -48.27 1.61 -50.12
N LYS F 86 -47.12 1.92 -49.50
CA LYS F 86 -47.08 2.54 -48.19
C LYS F 86 -47.66 3.95 -48.21
N GLU F 87 -47.29 4.72 -49.24
CA GLU F 87 -47.88 6.04 -49.46
C GLU F 87 -49.41 5.95 -49.33
N VAL F 88 -50.02 4.97 -49.97
CA VAL F 88 -51.48 4.79 -49.93
C VAL F 88 -52.00 4.48 -48.52
N TYR F 89 -51.33 3.57 -47.81
CA TYR F 89 -51.81 3.12 -46.49
C TYR F 89 -51.64 4.23 -45.47
N GLN F 90 -50.58 5.03 -45.63
CA GLN F 90 -50.25 6.15 -44.75
C GLN F 90 -51.33 7.22 -44.80
N GLN F 91 -51.93 7.40 -45.96
CA GLN F 91 -53.02 8.36 -46.11
C GLN F 91 -54.29 7.85 -45.48
N VAL F 92 -54.55 6.55 -45.58
CA VAL F 92 -55.76 5.98 -45.00
C VAL F 92 -55.62 6.09 -43.49
N SER F 93 -54.46 5.69 -42.99
CA SER F 93 -54.20 5.76 -41.57
C SER F 93 -54.42 7.15 -41.01
N SER F 94 -53.94 8.16 -41.74
CA SER F 94 -54.00 9.55 -41.28
C SER F 94 -55.43 10.09 -41.23
N ARG F 95 -56.27 9.70 -42.19
CA ARG F 95 -57.69 10.00 -42.13
C ARG F 95 -58.33 9.37 -40.87
N ILE F 96 -57.94 8.14 -40.53
CA ILE F 96 -58.50 7.43 -39.39
C ILE F 96 -57.99 7.98 -38.07
N MET F 97 -56.71 8.30 -37.99
CA MET F 97 -56.14 8.95 -36.79
C MET F 97 -56.87 10.27 -36.47
N ASN F 98 -57.36 10.95 -37.50
CA ASN F 98 -58.10 12.19 -37.31
C ASN F 98 -59.52 11.94 -36.81
N LEU F 99 -60.14 10.84 -37.24
CA LEU F 99 -61.42 10.42 -36.67
C LEU F 99 -61.26 10.08 -35.18
N LEU F 100 -60.16 9.42 -34.84
CA LEU F 100 -59.84 9.10 -33.45
C LEU F 100 -59.63 10.36 -32.63
N ARG F 101 -59.15 11.43 -33.26
CA ARG F 101 -58.87 12.66 -32.54
C ARG F 101 -60.13 13.41 -32.10
N GLU F 102 -61.27 13.15 -32.73
CA GLU F 102 -62.53 13.75 -32.28
C GLU F 102 -63.05 13.08 -31.01
N TYR F 103 -62.71 11.80 -30.83
CA TYR F 103 -63.10 11.07 -29.62
C TYR F 103 -62.23 11.38 -28.39
N SER F 104 -60.94 11.65 -28.59
CA SER F 104 -60.07 12.19 -27.53
C SER F 104 -58.91 13.04 -28.06
N GLU F 105 -58.45 13.95 -27.21
CA GLU F 105 -57.36 14.87 -27.54
C GLU F 105 -56.02 14.22 -27.22
N LYS F 106 -55.95 13.52 -26.08
CA LYS F 106 -54.75 12.82 -25.66
C LYS F 106 -54.64 11.47 -26.39
N ILE F 107 -53.74 11.41 -27.36
CA ILE F 107 -53.61 10.28 -28.27
C ILE F 107 -52.16 9.99 -28.64
N GLU F 108 -51.78 8.71 -28.57
CA GLU F 108 -50.47 8.23 -28.92
C GLU F 108 -50.58 7.38 -30.19
N ILE F 109 -50.12 7.92 -31.32
CA ILE F 109 -50.05 7.14 -32.57
C ILE F 109 -48.84 6.24 -32.43
N ALA F 110 -49.07 4.99 -32.01
CA ALA F 110 -48.00 4.02 -31.82
C ALA F 110 -47.34 3.57 -33.12
N SER F 111 -48.12 3.50 -34.20
CA SER F 111 -47.62 3.08 -35.52
C SER F 111 -48.67 3.38 -36.59
N ILE F 112 -48.40 2.98 -37.83
CA ILE F 112 -49.34 3.26 -38.91
C ILE F 112 -50.71 2.57 -38.71
N ASP F 113 -50.77 1.50 -37.91
CA ASP F 113 -52.04 0.82 -37.61
C ASP F 113 -52.45 0.80 -36.11
N GLU F 114 -51.90 1.67 -35.28
CA GLU F 114 -52.11 1.59 -33.83
C GLU F 114 -52.21 2.95 -33.16
N ALA F 115 -53.26 3.15 -32.38
CA ALA F 115 -53.39 4.35 -31.55
C ALA F 115 -53.93 4.03 -30.15
N TYR F 116 -53.36 4.68 -29.15
CA TYR F 116 -53.83 4.61 -27.77
C TYR F 116 -54.60 5.90 -27.49
N LEU F 117 -55.75 5.77 -26.84
CA LEU F 117 -56.58 6.93 -26.47
C LEU F 117 -56.75 6.98 -24.96
N ASP F 118 -56.15 7.97 -24.30
CA ASP F 118 -56.52 8.28 -22.93
C ASP F 118 -57.96 8.78 -22.94
N ILE F 119 -58.87 8.05 -22.30
CA ILE F 119 -60.28 8.41 -22.22
C ILE F 119 -60.74 8.52 -20.76
N SER F 120 -59.84 9.02 -19.91
CA SER F 120 -60.12 9.17 -18.49
C SER F 120 -61.10 10.31 -18.29
N ASP F 121 -60.95 11.35 -19.11
CA ASP F 121 -61.80 12.53 -19.03
C ASP F 121 -62.87 12.52 -20.12
N LYS F 122 -63.21 11.34 -20.62
CA LYS F 122 -64.31 11.18 -21.57
C LYS F 122 -65.38 10.23 -21.05
N VAL F 123 -65.02 9.29 -20.19
CA VAL F 123 -65.97 8.33 -19.60
C VAL F 123 -65.58 7.97 -18.15
N ARG F 124 -66.53 7.38 -17.43
CA ARG F 124 -66.39 7.14 -16.00
C ARG F 124 -66.21 5.68 -15.58
N ASP F 125 -66.45 4.74 -16.48
CA ASP F 125 -66.25 3.32 -16.19
C ASP F 125 -65.95 2.49 -17.46
N TYR F 126 -65.94 1.16 -17.35
CA TYR F 126 -65.66 0.32 -18.50
C TYR F 126 -66.89 0.03 -19.36
N ARG F 127 -68.09 0.26 -18.82
CA ARG F 127 -69.32 0.14 -19.59
C ARG F 127 -69.47 1.29 -20.61
N GLU F 128 -68.94 2.46 -20.26
CA GLU F 128 -69.04 3.65 -21.10
C GLU F 128 -67.83 3.75 -22.02
N ALA F 129 -66.69 3.23 -21.56
CA ALA F 129 -65.51 3.05 -22.42
C ALA F 129 -65.85 2.11 -23.56
N TYR F 130 -66.61 1.06 -23.25
CA TYR F 130 -66.97 0.01 -24.18
C TYR F 130 -67.92 0.54 -25.26
N ASN F 131 -68.95 1.27 -24.83
CA ASN F 131 -69.92 1.87 -25.77
C ASN F 131 -69.28 2.90 -26.69
N LEU F 132 -68.20 3.52 -26.22
CA LEU F 132 -67.39 4.42 -27.04
C LEU F 132 -66.54 3.64 -28.03
N GLY F 133 -66.06 2.48 -27.63
CA GLY F 133 -65.35 1.57 -28.52
C GLY F 133 -66.23 1.13 -29.67
N LEU F 134 -67.51 0.92 -29.39
CA LEU F 134 -68.49 0.56 -30.42
C LEU F 134 -68.76 1.72 -31.36
N GLU F 135 -68.73 2.93 -30.80
CA GLU F 135 -68.94 4.16 -31.57
C GLU F 135 -67.77 4.38 -32.49
N ILE F 136 -66.58 4.03 -32.03
CA ILE F 136 -65.37 4.19 -32.82
C ILE F 136 -65.36 3.16 -33.94
N LYS F 137 -65.72 1.92 -33.61
CA LYS F 137 -65.69 0.81 -34.56
C LYS F 137 -66.68 1.03 -35.69
N ASN F 138 -67.89 1.44 -35.33
CA ASN F 138 -68.91 1.72 -36.33
C ASN F 138 -68.52 2.93 -37.17
N LYS F 139 -67.97 3.96 -36.54
CA LYS F 139 -67.67 5.21 -37.22
C LYS F 139 -66.57 5.05 -38.26
N ILE F 140 -65.60 4.18 -37.99
CA ILE F 140 -64.50 3.92 -38.91
C ILE F 140 -64.99 3.06 -40.07
N LEU F 141 -65.95 2.18 -39.81
CA LEU F 141 -66.51 1.30 -40.83
C LEU F 141 -67.37 2.09 -41.83
N GLU F 142 -68.23 2.96 -41.32
CA GLU F 142 -68.98 3.92 -42.14
C GLU F 142 -68.04 4.66 -43.10
N LYS F 143 -66.95 5.19 -42.55
CA LYS F 143 -66.15 6.25 -43.17
C LYS F 143 -64.97 5.80 -44.01
N GLU F 144 -64.37 4.65 -43.67
CA GLU F 144 -63.23 4.12 -44.43
C GLU F 144 -63.39 2.64 -44.75
N LYS F 145 -64.50 2.04 -44.34
CA LYS F 145 -64.76 0.61 -44.53
C LYS F 145 -63.69 -0.31 -43.89
N ILE F 146 -63.02 0.17 -42.85
CA ILE F 146 -61.99 -0.58 -42.16
C ILE F 146 -62.53 -1.07 -40.82
N THR F 147 -62.53 -2.39 -40.64
CA THR F 147 -62.74 -3.00 -39.34
C THR F 147 -61.47 -2.82 -38.52
N VAL F 148 -61.65 -2.64 -37.22
CA VAL F 148 -60.54 -2.48 -36.31
C VAL F 148 -60.81 -3.33 -35.10
N THR F 149 -59.90 -3.32 -34.15
CA THR F 149 -60.13 -3.99 -32.88
C THR F 149 -59.82 -3.03 -31.73
N VAL F 150 -60.66 -3.03 -30.70
CA VAL F 150 -60.49 -2.12 -29.59
C VAL F 150 -60.22 -2.91 -28.32
N GLY F 151 -59.17 -2.53 -27.59
CA GLY F 151 -58.95 -3.05 -26.23
C GLY F 151 -59.02 -1.93 -25.19
N ILE F 152 -59.58 -2.25 -24.02
CA ILE F 152 -59.77 -1.26 -22.96
C ILE F 152 -59.18 -1.77 -21.63
N SER F 153 -58.48 -0.90 -20.89
CA SER F 153 -57.88 -1.24 -19.59
C SER F 153 -57.27 -0.03 -18.86
N LYS F 154 -56.65 -0.28 -17.71
CA LYS F 154 -56.09 0.81 -16.90
C LYS F 154 -54.79 1.39 -17.46
N ASN F 155 -54.06 0.62 -18.26
CA ASN F 155 -52.84 1.13 -18.89
C ASN F 155 -52.70 0.73 -20.36
N LYS F 156 -51.67 1.29 -21.00
CA LYS F 156 -51.36 1.06 -22.41
C LYS F 156 -51.16 -0.42 -22.72
N VAL F 157 -50.35 -1.08 -21.91
CA VAL F 157 -49.96 -2.47 -22.17
C VAL F 157 -51.16 -3.40 -22.17
N PHE F 158 -52.02 -3.30 -21.17
CA PHE F 158 -53.15 -4.21 -21.08
C PHE F 158 -54.29 -3.87 -22.04
N ALA F 159 -54.31 -2.64 -22.54
CA ALA F 159 -55.25 -2.24 -23.58
C ALA F 159 -54.85 -2.91 -24.90
N LYS F 160 -53.55 -2.96 -25.19
CA LYS F 160 -53.07 -3.71 -26.35
C LYS F 160 -53.35 -5.20 -26.20
N ILE F 161 -52.96 -5.78 -25.06
CA ILE F 161 -53.19 -7.21 -24.83
C ILE F 161 -54.66 -7.57 -25.13
N ALA F 162 -55.58 -6.75 -24.63
CA ALA F 162 -57.01 -6.94 -24.85
C ALA F 162 -57.33 -7.03 -26.33
N ALA F 163 -56.73 -6.18 -27.14
CA ALA F 163 -56.95 -6.20 -28.58
C ALA F 163 -56.39 -7.47 -29.23
N ASP F 164 -55.24 -7.96 -28.76
CA ASP F 164 -54.63 -9.17 -29.32
C ASP F 164 -55.50 -10.41 -29.12
N MET F 165 -56.33 -10.37 -28.08
CA MET F 165 -57.27 -11.46 -27.78
C MET F 165 -58.53 -11.36 -28.65
N ALA F 166 -59.05 -10.15 -28.82
CA ALA F 166 -60.33 -9.95 -29.52
C ALA F 166 -60.22 -9.87 -31.03
N LYS F 167 -58.99 -10.00 -31.55
CA LYS F 167 -58.69 -9.86 -32.98
C LYS F 167 -59.71 -10.56 -33.90
N PRO F 168 -59.54 -10.41 -35.20
CA PRO F 168 -60.45 -9.72 -36.13
C PRO F 168 -61.72 -9.11 -35.55
N ASN F 169 -61.92 -7.84 -35.84
CA ASN F 169 -63.23 -7.22 -35.73
C ASN F 169 -63.75 -7.37 -34.30
N GLY F 170 -62.95 -6.90 -33.35
CA GLY F 170 -63.17 -7.21 -31.94
C GLY F 170 -63.40 -6.03 -31.01
N ILE F 171 -63.72 -6.39 -29.77
CA ILE F 171 -63.85 -5.42 -28.67
C ILE F 171 -63.77 -6.19 -27.34
N LYS F 172 -62.84 -5.80 -26.47
CA LYS F 172 -62.62 -6.51 -25.22
C LYS F 172 -62.20 -5.57 -24.09
N VAL F 173 -62.67 -5.90 -22.89
CA VAL F 173 -62.33 -5.16 -21.68
C VAL F 173 -61.53 -6.11 -20.78
N ILE F 174 -60.44 -5.61 -20.18
CA ILE F 174 -59.67 -6.35 -19.17
C ILE F 174 -59.69 -5.55 -17.88
N ASP F 175 -60.69 -5.79 -17.02
CA ASP F 175 -60.87 -4.99 -15.79
C ASP F 175 -59.73 -5.20 -14.79
N ASP F 176 -59.73 -4.41 -13.70
CA ASP F 176 -58.68 -4.51 -12.68
C ASP F 176 -58.42 -5.96 -12.21
N GLU F 177 -59.50 -6.75 -12.12
CA GLU F 177 -59.42 -8.14 -11.67
C GLU F 177 -58.75 -9.10 -12.66
N GLU F 178 -59.09 -8.98 -13.95
CA GLU F 178 -58.48 -9.83 -14.99
C GLU F 178 -57.04 -9.39 -15.33
N VAL F 179 -56.67 -8.16 -14.98
CA VAL F 179 -55.29 -7.74 -15.03
C VAL F 179 -54.48 -8.57 -14.04
N LYS F 180 -54.96 -8.65 -12.79
CA LYS F 180 -54.26 -9.37 -11.73
C LYS F 180 -54.11 -10.86 -12.05
N ARG F 181 -55.09 -11.41 -12.76
CA ARG F 181 -55.07 -12.82 -13.15
C ARG F 181 -54.10 -13.09 -14.31
N LEU F 182 -54.04 -12.16 -15.26
CA LEU F 182 -53.15 -12.29 -16.43
C LEU F 182 -51.70 -12.05 -16.05
N ILE F 183 -51.48 -11.34 -14.94
CA ILE F 183 -50.16 -11.17 -14.36
C ILE F 183 -49.62 -12.53 -13.94
N ARG F 184 -50.53 -13.43 -13.58
CA ARG F 184 -50.18 -14.78 -13.16
C ARG F 184 -50.23 -15.83 -14.28
N GLU F 185 -51.13 -15.66 -15.25
CA GLU F 185 -51.49 -16.76 -16.16
C GLU F 185 -51.17 -16.55 -17.65
N LEU F 186 -50.86 -15.32 -18.06
CA LEU F 186 -50.55 -15.04 -19.47
C LEU F 186 -49.12 -15.44 -19.87
N ASP F 187 -49.03 -16.25 -20.92
CA ASP F 187 -47.76 -16.52 -21.62
C ASP F 187 -47.01 -15.20 -21.78
N ILE F 188 -45.73 -15.17 -21.39
CA ILE F 188 -44.97 -13.93 -21.40
C ILE F 188 -44.53 -13.51 -22.80
N ALA F 189 -44.65 -14.42 -23.78
CA ALA F 189 -44.43 -14.08 -25.19
C ALA F 189 -45.54 -13.21 -25.79
N ASP F 190 -46.69 -13.18 -25.10
CA ASP F 190 -47.86 -12.43 -25.54
C ASP F 190 -47.91 -11.03 -24.92
N VAL F 191 -46.90 -10.67 -24.14
CA VAL F 191 -46.75 -9.30 -23.67
C VAL F 191 -46.27 -8.45 -24.86
N PRO F 192 -46.91 -7.31 -25.11
CA PRO F 192 -46.40 -6.35 -26.09
C PRO F 192 -44.94 -5.97 -25.87
N GLY F 193 -44.16 -6.02 -26.94
CA GLY F 193 -42.74 -5.68 -26.90
C GLY F 193 -41.82 -6.87 -26.74
N ILE F 194 -42.40 -8.01 -26.40
CA ILE F 194 -41.68 -9.28 -26.35
C ILE F 194 -41.97 -10.00 -27.66
N GLY F 195 -40.91 -10.32 -28.39
CA GLY F 195 -41.02 -10.99 -29.67
C GLY F 195 -40.54 -12.43 -29.61
N ASN F 196 -40.27 -13.00 -30.80
CA ASN F 196 -39.81 -14.39 -30.92
C ASN F 196 -38.58 -14.62 -30.03
N ILE F 197 -37.56 -13.78 -30.21
CA ILE F 197 -36.23 -14.00 -29.63
C ILE F 197 -36.17 -13.77 -28.11
N THR F 198 -36.80 -12.70 -27.63
CA THR F 198 -36.83 -12.36 -26.21
C THR F 198 -37.63 -13.40 -25.42
N ALA F 199 -38.63 -13.99 -26.08
CA ALA F 199 -39.43 -15.05 -25.49
C ALA F 199 -38.64 -16.33 -25.29
N GLU F 200 -37.75 -16.65 -26.23
CA GLU F 200 -36.86 -17.83 -26.12
C GLU F 200 -35.86 -17.68 -24.98
N LYS F 201 -35.38 -16.47 -24.78
CA LYS F 201 -34.43 -16.17 -23.70
C LYS F 201 -35.12 -16.35 -22.36
N LEU F 202 -36.35 -15.84 -22.29
CA LEU F 202 -37.16 -15.93 -21.08
C LEU F 202 -37.53 -17.38 -20.76
N LYS F 203 -37.88 -18.16 -21.79
CA LYS F 203 -38.20 -19.59 -21.63
C LYS F 203 -36.98 -20.35 -21.11
N LYS F 204 -35.81 -20.06 -21.66
CA LYS F 204 -34.56 -20.68 -21.20
C LYS F 204 -34.17 -20.24 -19.78
N LEU F 205 -34.70 -19.12 -19.30
CA LEU F 205 -34.45 -18.66 -17.94
C LEU F 205 -35.44 -19.26 -16.94
N GLY F 206 -36.50 -19.88 -17.46
CA GLY F 206 -37.53 -20.49 -16.63
C GLY F 206 -38.66 -19.54 -16.33
N ILE F 207 -38.87 -18.57 -17.23
CA ILE F 207 -39.84 -17.49 -17.07
C ILE F 207 -40.86 -17.60 -18.19
N ASN F 208 -42.04 -18.10 -17.84
CA ASN F 208 -43.15 -18.28 -18.79
C ASN F 208 -44.31 -17.34 -18.49
N LYS F 209 -44.42 -16.91 -17.24
CA LYS F 209 -45.43 -15.93 -16.83
C LYS F 209 -44.75 -14.64 -16.38
N LEU F 210 -45.52 -13.55 -16.38
CA LEU F 210 -45.06 -12.25 -15.87
C LEU F 210 -44.62 -12.31 -14.40
N VAL F 211 -45.36 -13.03 -13.57
CA VAL F 211 -45.08 -13.09 -12.13
C VAL F 211 -43.76 -13.82 -11.82
N ASP F 212 -43.23 -14.54 -12.81
CA ASP F 212 -41.95 -15.21 -12.72
C ASP F 212 -40.75 -14.27 -12.89
N THR F 213 -40.97 -12.97 -12.98
CA THR F 213 -39.86 -11.99 -12.97
C THR F 213 -39.57 -11.48 -11.57
N LEU F 214 -40.29 -12.02 -10.58
CA LEU F 214 -40.03 -11.77 -9.17
C LEU F 214 -39.48 -13.02 -8.46
N SER F 215 -39.41 -14.14 -9.19
CA SER F 215 -38.73 -15.35 -8.71
C SER F 215 -37.23 -15.24 -8.97
N ILE F 216 -36.88 -14.40 -9.95
CA ILE F 216 -35.50 -14.24 -10.41
C ILE F 216 -34.90 -12.92 -9.91
N GLU F 217 -33.60 -12.93 -9.63
CA GLU F 217 -32.89 -11.73 -9.17
C GLU F 217 -32.71 -10.73 -10.32
N PHE F 218 -32.63 -9.45 -9.97
CA PHE F 218 -32.76 -8.38 -10.95
C PHE F 218 -31.62 -8.35 -11.99
N ASP F 219 -30.37 -8.44 -11.53
CA ASP F 219 -29.22 -8.32 -12.42
C ASP F 219 -29.06 -9.51 -13.38
N LYS F 220 -29.64 -10.65 -13.02
CA LYS F 220 -29.69 -11.83 -13.90
C LYS F 220 -30.62 -11.54 -15.11
N LEU F 221 -31.78 -10.95 -14.84
CA LEU F 221 -32.74 -10.56 -15.88
C LEU F 221 -32.19 -9.43 -16.76
N LYS F 222 -31.57 -8.43 -16.13
CA LYS F 222 -30.89 -7.32 -16.81
C LYS F 222 -29.85 -7.80 -17.82
N GLY F 223 -29.10 -8.83 -17.44
CA GLY F 223 -28.02 -9.35 -18.26
C GLY F 223 -28.49 -10.15 -19.46
N MET F 224 -29.77 -10.48 -19.49
CA MET F 224 -30.32 -11.35 -20.54
C MET F 224 -31.18 -10.63 -21.58
N ILE F 225 -32.07 -9.74 -21.14
CA ILE F 225 -33.01 -9.04 -22.05
C ILE F 225 -32.81 -7.53 -22.14
N GLY F 226 -31.77 -7.02 -21.47
CA GLY F 226 -31.51 -5.60 -21.37
C GLY F 226 -32.19 -4.97 -20.18
N GLU F 227 -31.76 -3.74 -19.85
CA GLU F 227 -32.30 -2.97 -18.72
C GLU F 227 -33.72 -2.48 -18.98
N ALA F 228 -34.03 -2.15 -20.24
CA ALA F 228 -35.32 -1.53 -20.63
C ALA F 228 -36.49 -2.49 -20.48
N LYS F 229 -36.40 -3.66 -21.10
CA LYS F 229 -37.42 -4.70 -20.95
C LYS F 229 -37.46 -5.28 -19.53
N ALA F 230 -36.33 -5.21 -18.83
CA ALA F 230 -36.23 -5.73 -17.47
C ALA F 230 -37.03 -4.87 -16.50
N LYS F 231 -36.83 -3.56 -16.57
CA LYS F 231 -37.54 -2.61 -15.70
C LYS F 231 -39.03 -2.63 -16.06
N TYR F 232 -39.30 -2.88 -17.34
CA TYR F 232 -40.62 -2.84 -17.93
C TYR F 232 -41.48 -4.05 -17.51
N LEU F 233 -40.93 -5.25 -17.70
CA LEU F 233 -41.65 -6.48 -17.40
C LEU F 233 -41.97 -6.62 -15.93
N ILE F 234 -40.99 -6.26 -15.09
CA ILE F 234 -41.15 -6.24 -13.65
C ILE F 234 -42.20 -5.20 -13.25
N SER F 235 -42.19 -4.05 -13.91
CA SER F 235 -43.16 -3.01 -13.63
C SER F 235 -44.59 -3.50 -13.85
N LEU F 236 -44.79 -4.35 -14.85
CA LEU F 236 -46.12 -4.90 -15.15
C LEU F 236 -46.53 -5.99 -14.15
N ALA F 237 -45.55 -6.68 -13.58
CA ALA F 237 -45.82 -7.72 -12.59
C ALA F 237 -46.25 -7.11 -11.26
N ARG F 238 -45.55 -6.05 -10.84
CA ARG F 238 -45.88 -5.29 -9.64
C ARG F 238 -47.17 -4.45 -9.82
N ASP F 239 -47.75 -4.50 -11.02
CA ASP F 239 -48.95 -3.75 -11.37
C ASP F 239 -48.75 -2.24 -11.14
N GLU F 240 -47.53 -1.79 -11.43
CA GLU F 240 -47.14 -0.39 -11.24
C GLU F 240 -46.95 0.32 -12.60
N TYR F 241 -47.26 -0.34 -13.71
CA TYR F 241 -47.14 0.29 -15.02
C TYR F 241 -48.24 1.34 -15.19
N ASN F 242 -47.84 2.56 -15.53
CA ASN F 242 -48.79 3.63 -15.79
C ASN F 242 -48.20 4.77 -16.63
N GLU F 243 -47.43 4.42 -17.65
CA GLU F 243 -46.83 5.42 -18.55
C GLU F 243 -47.96 6.13 -19.33
N PRO F 244 -47.86 7.45 -19.47
CA PRO F 244 -48.95 8.23 -20.07
C PRO F 244 -49.03 8.09 -21.57
N ILE F 245 -50.23 8.32 -22.08
CA ILE F 245 -50.45 8.54 -23.50
C ILE F 245 -49.76 9.86 -23.84
N ARG F 246 -48.98 9.87 -24.91
CA ARG F 246 -48.17 11.03 -25.26
C ARG F 246 -47.61 10.92 -26.67
N THR F 247 -47.36 12.05 -27.30
CA THR F 247 -46.85 12.07 -28.67
C THR F 247 -45.45 11.46 -28.74
N ARG F 248 -45.35 10.25 -29.31
CA ARG F 248 -44.02 9.67 -29.51
C ARG F 248 -43.23 10.53 -30.47
N VAL F 249 -42.02 10.93 -30.09
CA VAL F 249 -41.19 11.69 -31.02
C VAL F 249 -40.16 10.80 -31.68
N ARG F 250 -40.24 10.69 -33.01
CA ARG F 250 -39.19 10.05 -33.82
C ARG F 250 -37.80 10.52 -33.36
N LYS F 251 -36.92 9.59 -33.03
CA LYS F 251 -35.53 9.90 -32.67
C LYS F 251 -34.56 9.67 -33.83
N SER F 252 -35.03 9.02 -34.89
CA SER F 252 -34.31 9.02 -36.17
C SER F 252 -35.28 8.86 -37.35
N ILE F 253 -34.87 9.31 -38.53
CA ILE F 253 -35.64 9.15 -39.78
C ILE F 253 -34.68 8.75 -40.88
N GLY F 254 -35.12 7.91 -41.81
CA GLY F 254 -34.20 7.41 -42.81
C GLY F 254 -34.75 6.48 -43.87
N ARG F 255 -33.86 6.07 -44.76
CA ARG F 255 -34.21 5.17 -45.84
C ARG F 255 -33.00 4.33 -46.25
N ILE F 256 -33.21 3.04 -46.43
CA ILE F 256 -32.18 2.20 -47.00
C ILE F 256 -32.83 1.26 -47.98
N VAL F 257 -32.31 1.25 -49.20
CA VAL F 257 -32.93 0.62 -50.35
C VAL F 257 -32.02 -0.50 -50.86
N THR F 258 -32.61 -1.51 -51.49
CA THR F 258 -31.83 -2.57 -52.10
C THR F 258 -31.41 -2.14 -53.49
N MET F 259 -30.14 -2.37 -53.81
CA MET F 259 -29.63 -2.03 -55.13
C MET F 259 -29.94 -3.16 -56.09
N LYS F 260 -30.08 -2.81 -57.37
CA LYS F 260 -30.41 -3.79 -58.40
C LYS F 260 -29.43 -4.96 -58.31
N ARG F 261 -28.14 -4.64 -58.21
CA ARG F 261 -27.13 -5.65 -57.92
C ARG F 261 -26.04 -5.17 -56.96
N ASN F 262 -25.32 -6.14 -56.39
CA ASN F 262 -24.22 -5.88 -55.48
C ASN F 262 -23.12 -5.13 -56.20
N SER F 263 -22.32 -4.39 -55.45
CA SER F 263 -21.36 -3.49 -56.06
C SER F 263 -20.35 -2.99 -55.04
N ARG F 264 -19.24 -2.44 -55.54
CA ARG F 264 -18.25 -1.76 -54.72
C ARG F 264 -17.73 -0.52 -55.46
N ASN F 265 -18.47 -0.08 -56.46
CA ASN F 265 -18.06 1.00 -57.34
C ASN F 265 -18.79 2.26 -56.90
N LEU F 266 -18.03 3.21 -56.36
CA LEU F 266 -18.61 4.43 -55.79
C LEU F 266 -19.74 5.01 -56.65
N GLU F 267 -19.46 5.26 -57.93
CA GLU F 267 -20.41 5.96 -58.81
C GLU F 267 -21.68 5.16 -59.06
N GLU F 268 -21.59 3.84 -59.00
CA GLU F 268 -22.74 2.96 -59.17
C GLU F 268 -23.63 2.90 -57.91
N ILE F 269 -23.06 3.22 -56.75
CA ILE F 269 -23.80 3.22 -55.48
C ILE F 269 -24.44 4.59 -55.19
N LYS F 270 -23.70 5.67 -55.51
CA LYS F 270 -24.12 7.04 -55.20
C LYS F 270 -25.60 7.33 -55.54
N PRO F 271 -26.03 7.06 -56.79
CA PRO F 271 -27.43 7.29 -57.18
C PRO F 271 -28.43 6.77 -56.16
N TYR F 272 -28.23 5.55 -55.68
CA TYR F 272 -29.12 4.93 -54.68
C TYR F 272 -29.06 5.65 -53.34
N LEU F 273 -27.85 6.03 -52.91
CA LEU F 273 -27.64 6.72 -51.63
C LEU F 273 -28.25 8.12 -51.64
N PHE F 274 -28.14 8.77 -52.78
CA PHE F 274 -28.67 10.11 -52.96
C PHE F 274 -30.20 10.06 -52.98
N ARG F 275 -30.75 9.02 -53.60
CA ARG F 275 -32.19 8.79 -53.62
C ARG F 275 -32.69 8.57 -52.20
N ALA F 276 -31.91 7.83 -51.42
CA ALA F 276 -32.20 7.56 -50.02
C ALA F 276 -32.26 8.83 -49.18
N ILE F 277 -31.34 9.76 -49.47
CA ILE F 277 -31.29 11.04 -48.78
C ILE F 277 -32.48 11.91 -49.16
N GLU F 278 -32.86 11.93 -50.43
CA GLU F 278 -33.96 12.78 -50.88
C GLU F 278 -35.25 12.35 -50.18
N GLU F 279 -35.55 11.05 -50.27
CA GLU F 279 -36.72 10.47 -49.61
C GLU F 279 -36.64 10.64 -48.09
N SER F 280 -35.43 10.57 -47.54
CA SER F 280 -35.22 10.78 -46.11
C SER F 280 -35.59 12.20 -45.77
N TYR F 281 -35.13 13.13 -46.59
CA TYR F 281 -35.22 14.55 -46.30
C TYR F 281 -36.61 15.12 -46.54
N TYR F 282 -37.47 14.40 -47.27
CA TYR F 282 -38.88 14.79 -47.41
C TYR F 282 -39.65 14.33 -46.18
N LYS F 283 -39.43 13.08 -45.76
CA LYS F 283 -40.00 12.57 -44.51
C LYS F 283 -39.65 13.48 -43.32
N LEU F 284 -38.50 14.17 -43.39
CA LEU F 284 -38.01 14.98 -42.27
C LEU F 284 -38.97 16.09 -41.92
N ASP F 285 -39.57 16.69 -42.94
CA ASP F 285 -40.62 17.69 -42.73
C ASP F 285 -40.20 18.74 -41.69
N LYS F 286 -39.35 19.68 -42.11
CA LYS F 286 -38.97 20.83 -41.27
C LYS F 286 -38.24 20.48 -39.96
N ARG F 287 -37.77 19.24 -39.83
CA ARG F 287 -36.95 18.82 -38.69
C ARG F 287 -35.50 18.77 -39.14
N ILE F 288 -34.60 19.37 -38.35
CA ILE F 288 -33.19 19.45 -38.72
C ILE F 288 -32.36 18.46 -37.88
N PRO F 289 -31.74 17.49 -38.54
CA PRO F 289 -30.83 16.57 -37.85
C PRO F 289 -29.44 17.16 -37.67
N LYS F 290 -28.81 16.85 -36.55
CA LYS F 290 -27.42 17.21 -36.29
C LYS F 290 -26.51 16.02 -36.62
N ALA F 291 -27.08 14.83 -36.74
CA ALA F 291 -26.32 13.60 -37.01
C ALA F 291 -26.80 12.89 -38.26
N ILE F 292 -25.87 12.31 -39.00
CA ILE F 292 -26.16 11.52 -40.20
C ILE F 292 -25.36 10.22 -40.14
N HIS F 293 -25.94 9.14 -40.66
CA HIS F 293 -25.31 7.83 -40.61
C HIS F 293 -25.56 7.09 -41.91
N VAL F 294 -24.53 6.84 -42.70
CA VAL F 294 -24.64 5.99 -43.87
C VAL F 294 -24.60 4.52 -43.46
N VAL F 295 -25.65 3.77 -43.75
CA VAL F 295 -25.75 2.34 -43.41
C VAL F 295 -25.69 1.44 -44.64
N ALA F 296 -24.60 0.67 -44.76
CA ALA F 296 -24.48 -0.34 -45.83
C ALA F 296 -24.82 -1.73 -45.29
N VAL F 297 -25.60 -2.49 -46.06
CA VAL F 297 -25.88 -3.89 -45.76
C VAL F 297 -25.16 -4.71 -46.81
N THR F 298 -24.23 -5.55 -46.37
CA THR F 298 -23.36 -6.32 -47.24
C THR F 298 -24.07 -7.49 -47.96
N GLU F 299 -23.29 -8.20 -48.79
CA GLU F 299 -23.69 -9.44 -49.46
C GLU F 299 -24.50 -10.38 -48.57
N ASP F 300 -23.96 -10.60 -47.37
CA ASP F 300 -24.40 -11.64 -46.44
C ASP F 300 -25.30 -11.10 -45.31
N LEU F 301 -25.95 -9.97 -45.57
CA LEU F 301 -26.87 -9.33 -44.63
C LEU F 301 -26.26 -8.84 -43.32
N ASP F 302 -24.92 -8.83 -43.23
CA ASP F 302 -24.24 -8.18 -42.10
C ASP F 302 -24.28 -6.66 -42.33
N ILE F 303 -24.07 -5.86 -41.28
CA ILE F 303 -24.27 -4.41 -41.37
C ILE F 303 -23.06 -3.59 -40.94
N VAL F 304 -22.58 -2.73 -41.83
CA VAL F 304 -21.50 -1.80 -41.55
C VAL F 304 -22.10 -0.40 -41.59
N SER F 305 -21.82 0.40 -40.57
CA SER F 305 -22.31 1.78 -40.51
C SER F 305 -21.20 2.79 -40.15
N ARG F 306 -21.08 3.84 -40.97
CA ARG F 306 -20.23 5.00 -40.68
C ARG F 306 -21.10 6.25 -40.58
N GLY F 307 -20.89 7.04 -39.53
CA GLY F 307 -21.60 8.30 -39.34
C GLY F 307 -20.74 9.42 -38.78
N ARG F 308 -21.42 10.53 -38.48
CA ARG F 308 -20.77 11.73 -37.92
C ARG F 308 -21.80 12.70 -37.34
N THR F 309 -21.45 13.31 -36.23
CA THR F 309 -22.29 14.33 -35.61
C THR F 309 -21.65 15.71 -35.85
N PHE F 310 -22.49 16.65 -36.27
CA PHE F 310 -22.09 18.02 -36.52
C PHE F 310 -22.56 18.91 -35.37
N PRO F 311 -21.84 20.00 -35.08
CA PRO F 311 -22.27 20.91 -34.01
C PRO F 311 -23.45 21.83 -34.39
N HIS F 312 -23.81 21.84 -35.67
CA HIS F 312 -25.00 22.56 -36.13
C HIS F 312 -25.88 21.63 -37.00
N GLY F 313 -26.94 22.18 -37.59
CA GLY F 313 -27.83 21.40 -38.44
C GLY F 313 -27.25 21.03 -39.78
N ILE F 314 -27.83 19.99 -40.40
CA ILE F 314 -27.34 19.44 -41.67
C ILE F 314 -28.32 19.78 -42.78
N SER F 315 -27.85 20.54 -43.76
CA SER F 315 -28.66 20.85 -44.93
C SER F 315 -28.56 19.70 -45.90
N LYS F 316 -29.54 19.56 -46.78
CA LYS F 316 -29.55 18.51 -47.80
C LYS F 316 -28.21 18.42 -48.56
N GLU F 317 -27.62 19.57 -48.82
CA GLU F 317 -26.41 19.64 -49.62
C GLU F 317 -25.17 19.17 -48.85
N THR F 318 -25.16 19.41 -47.54
CA THR F 318 -24.15 18.83 -46.66
C THR F 318 -24.37 17.33 -46.45
N ALA F 319 -25.62 16.89 -46.54
CA ALA F 319 -25.97 15.47 -46.37
C ALA F 319 -25.45 14.69 -47.56
N TYR F 320 -25.78 15.14 -48.77
CA TYR F 320 -25.18 14.66 -50.00
C TYR F 320 -23.66 14.54 -49.85
N SER F 321 -23.03 15.68 -49.56
CA SER F 321 -21.58 15.82 -49.51
C SER F 321 -20.90 14.87 -48.53
N GLU F 322 -21.46 14.72 -47.34
CA GLU F 322 -20.85 13.96 -46.26
C GLU F 322 -21.20 12.48 -46.36
N SER F 323 -22.28 12.13 -47.05
CA SER F 323 -22.64 10.72 -47.20
C SER F 323 -21.78 9.99 -48.22
N VAL F 324 -21.22 10.75 -49.17
CA VAL F 324 -20.25 10.22 -50.12
C VAL F 324 -18.99 9.86 -49.34
N LYS F 325 -18.55 10.80 -48.50
CA LYS F 325 -17.39 10.62 -47.64
C LYS F 325 -17.51 9.37 -46.77
N LEU F 326 -18.62 9.21 -46.07
CA LEU F 326 -18.83 8.06 -45.18
C LEU F 326 -18.96 6.73 -45.95
N LEU F 327 -19.47 6.79 -47.18
CA LEU F 327 -19.54 5.61 -48.03
C LEU F 327 -18.13 5.23 -48.48
N GLN F 328 -17.37 6.22 -48.95
CA GLN F 328 -15.95 6.03 -49.29
C GLN F 328 -15.22 5.33 -48.14
N LYS F 329 -15.48 5.78 -46.92
CA LYS F 329 -14.88 5.20 -45.71
C LYS F 329 -15.31 3.74 -45.47
N ILE F 330 -16.56 3.43 -45.79
CA ILE F 330 -17.07 2.06 -45.65
C ILE F 330 -16.34 1.09 -46.59
N LEU F 331 -16.23 1.47 -47.85
CA LEU F 331 -15.50 0.67 -48.85
C LEU F 331 -14.04 0.47 -48.43
N GLU F 332 -13.42 1.52 -47.89
CA GLU F 332 -12.00 1.52 -47.51
C GLU F 332 -11.69 0.51 -46.40
N GLU F 333 -12.66 0.26 -45.53
CA GLU F 333 -12.43 -0.51 -44.32
C GLU F 333 -13.26 -1.80 -44.26
N ASP F 334 -13.90 -2.16 -45.37
CA ASP F 334 -14.65 -3.41 -45.47
C ASP F 334 -14.56 -4.01 -46.87
N GLU F 335 -14.21 -5.29 -46.95
CA GLU F 335 -13.88 -5.95 -48.22
C GLU F 335 -15.12 -6.42 -48.98
N ARG F 336 -16.25 -6.52 -48.29
CA ARG F 336 -17.46 -7.14 -48.85
C ARG F 336 -18.20 -6.21 -49.82
N LYS F 337 -19.01 -6.82 -50.69
CA LYS F 337 -19.83 -6.08 -51.65
C LYS F 337 -21.06 -5.52 -50.94
N ILE F 338 -21.47 -4.32 -51.33
CA ILE F 338 -22.64 -3.68 -50.74
C ILE F 338 -23.91 -4.06 -51.51
N ARG F 339 -24.94 -4.47 -50.77
CA ARG F 339 -26.20 -5.00 -51.32
C ARG F 339 -27.37 -4.02 -51.11
N ARG F 340 -27.41 -3.39 -49.94
CA ARG F 340 -28.32 -2.27 -49.67
C ARG F 340 -27.51 -1.09 -49.18
N ILE F 341 -28.00 0.11 -49.48
CA ILE F 341 -27.35 1.31 -49.01
C ILE F 341 -28.38 2.32 -48.61
N GLY F 342 -28.08 3.10 -47.59
CA GLY F 342 -29.02 4.11 -47.15
C GLY F 342 -28.45 5.01 -46.11
N VAL F 343 -29.32 5.73 -45.43
CA VAL F 343 -28.89 6.78 -44.53
C VAL F 343 -29.88 6.94 -43.41
N ARG F 344 -29.37 7.34 -42.25
CA ARG F 344 -30.16 7.50 -41.07
C ARG F 344 -29.82 8.85 -40.41
N PHE F 345 -30.83 9.68 -40.22
CA PHE F 345 -30.67 11.01 -39.63
C PHE F 345 -31.23 11.02 -38.22
N SER F 346 -30.48 11.54 -37.26
CA SER F 346 -30.90 11.59 -35.86
C SER F 346 -30.51 12.91 -35.18
N LYS F 347 -30.77 13.02 -33.88
CA LYS F 347 -30.43 14.19 -33.08
C LYS F 347 -31.03 15.48 -33.64
N PHE F 348 -32.36 15.54 -33.68
CA PHE F 348 -33.06 16.66 -34.30
C PHE F 348 -32.98 17.94 -33.45
N ILE F 349 -33.40 19.07 -34.01
CA ILE F 349 -33.44 20.32 -33.30
C ILE F 349 -34.84 20.49 -32.73
#